data_9CDF
#
_entry.id   9CDF
#
_cell.length_a   1.00
_cell.length_b   1.00
_cell.length_c   1.00
_cell.angle_alpha   90.00
_cell.angle_beta   90.00
_cell.angle_gamma   90.00
#
_symmetry.space_group_name_H-M   'P 1'
#
loop_
_entity.id
_entity.type
_entity.pdbx_description
1 polymer 'ATPase MORC2'
2 non-polymer 'ZINC ION'
3 non-polymer 'PHOSPHOAMINOPHOSPHONIC ACID-ADENYLATE ESTER'
4 non-polymer 'MAGNESIUM ION'
#
_entity_poly.entity_id   1
_entity_poly.type   'polypeptide(L)'
_entity_poly.pdbx_seq_one_letter_code
;MAFTNYSSLNRAQLTFEYLHTNSTTHEFLFGALAELVDNARDADATRIDIYAERREDLRGGFMLCFLDDGAGMDPSDAAS
VIQFGKSAKRTPESTQIGQYGNGLKSGSMRIGKDFILFTKKEDTMTCLFLSRTFHEEEGIDEVIVPLPTWNARTREPVTD
NVEKFAIETELIYKYSPFRTEEEVMTQFMKIPGDSGTLVIIFNLKLMDNGEPELDIISNPRDIQMAETSPEGTKPERRSF
RAYAAVLYIDPRMRIFIHGHKVQTKRLSCCLYKPRMYKYTSSRFKTRAEQEVKKAEHVARIAEEKAREAESKARTLEVRL
GGDLTRDSRVMLRQVQNRAITLRREADVKKRIKEAKQRALKEPKELNFVFGVNIEHRDLDGMFIYNCSRLIKMYEKVGPQ
LEGGMACGGVVGVVDVPYLVLEPTHNKQDFADAKEYRHLLRAMGEHLAQYWKDIAIAQRGIIKFWDEFGYLSANWNQPPS
SELRYKRRRAMEIPTTIQCDLCLKWRTLPFQLSSVEKDYPDTWVCSMNPDPEQDRCEASEQKQKVPLGTFRKDMKTQEEK
QKQLTEKIRQQQEKLEALQKTTPIRSQADLKKLPLEVTTRPSTEEPVRRPQRPRSPPLPAVIRNAPSRPPSLPTPRPASQ
PRKAPVISSTPKLPALAAREEASTSRLLQPPEAPRKPANTLVKTASRPAPLVQQLSPSLLPNSKSPREVPSPKVIKTPVV
KKTEAPIKLAPATPSRKRAVAVADEEEVEEEAERRKERCKRGRFVVKEEKKDSNELADAAGEEDSADLKRAQKDKGLHVE
VRVNREWYTGRVTAVEVGKHVVRWKVKFDYVPTDTTPRDRWVEKGSEDVRLMKPPSPEHQSLDTQQEGGEEEVGPVAQQA
IAVAEPSTSECLRIEPDTTALSTNHETIDLLVQILRNCLRYFLPPSFPISKKQLSAMNSDELISFPLKEYFKQYEVGLQN
LCNSYQSRADSRAKASEESLRTSERKLRETEEKLQKLRTNIVALLQKVQEDIDINTDDELDAYIEDLITKGD
;
_entity_poly.pdbx_strand_id   A,B
#
loop_
_chem_comp.id
_chem_comp.type
_chem_comp.name
_chem_comp.formula
ANP non-polymer 'PHOSPHOAMINOPHOSPHONIC ACID-ADENYLATE ESTER' 'C10 H17 N6 O12 P3'
MG non-polymer 'MAGNESIUM ION' 'Mg 2'
ZN non-polymer 'ZINC ION' 'Zn 2'
#
# COMPACT_ATOMS: atom_id res chain seq x y z
N ASN A 5 30.13 -4.25 -18.15
CA ASN A 5 29.77 -3.31 -17.10
C ASN A 5 28.49 -2.57 -17.46
N TYR A 6 27.53 -2.59 -16.54
CA TYR A 6 26.21 -1.99 -16.73
C TYR A 6 26.17 -0.59 -16.10
N SER A 7 27.11 0.25 -16.53
CA SER A 7 27.29 1.57 -15.96
C SER A 7 26.51 2.65 -16.69
N SER A 8 26.42 2.58 -18.02
CA SER A 8 25.77 3.60 -18.82
C SER A 8 24.26 3.42 -18.93
N LEU A 9 23.75 2.26 -18.53
CA LEU A 9 22.32 1.97 -18.69
C LEU A 9 21.48 2.87 -17.81
N ASN A 10 20.24 3.13 -18.22
CA ASN A 10 19.37 3.97 -17.42
C ASN A 10 19.04 3.26 -16.11
N ARG A 11 18.96 4.05 -15.04
CA ARG A 11 18.57 3.56 -13.72
C ARG A 11 17.25 4.20 -13.34
N ALA A 12 16.43 3.45 -12.61
CA ALA A 12 15.27 4.07 -11.99
C ALA A 12 15.75 5.11 -10.98
N GLN A 13 15.12 6.27 -11.01
CA GLN A 13 15.50 7.40 -10.16
C GLN A 13 14.27 7.94 -9.48
N LEU A 14 14.43 8.32 -8.21
CA LEU A 14 13.36 8.98 -7.50
C LEU A 14 13.13 10.38 -8.05
N THR A 15 11.92 10.88 -7.80
CA THR A 15 11.58 12.26 -8.07
C THR A 15 10.78 12.79 -6.90
N PHE A 16 10.68 14.13 -6.80
CA PHE A 16 9.79 14.74 -5.82
C PHE A 16 8.41 14.13 -5.75
N GLU A 17 7.73 14.00 -6.88
CA GLU A 17 6.38 13.46 -6.80
C GLU A 17 6.41 12.00 -6.34
N TYR A 18 7.57 11.35 -6.40
CA TYR A 18 7.66 10.01 -5.85
C TYR A 18 7.63 10.02 -4.33
N LEU A 19 8.11 11.08 -3.68
CA LEU A 19 7.98 11.14 -2.23
C LEU A 19 6.51 11.14 -1.82
N HIS A 20 5.71 12.00 -2.48
CA HIS A 20 4.28 11.98 -2.26
C HIS A 20 3.69 10.61 -2.57
N THR A 21 4.03 10.06 -3.74
CA THR A 21 3.50 8.78 -4.18
C THR A 21 3.79 7.67 -3.17
N ASN A 22 5.04 7.59 -2.72
CA ASN A 22 5.44 6.59 -1.75
C ASN A 22 4.72 6.80 -0.42
N SER A 23 4.56 8.05 -0.01
CA SER A 23 3.77 8.29 1.19
C SER A 23 2.32 7.89 1.00
N THR A 24 1.83 7.92 -0.23
CA THR A 24 0.45 7.55 -0.49
C THR A 24 0.20 6.08 -0.19
N THR A 25 1.25 5.27 -0.13
CA THR A 25 1.09 3.90 0.35
C THR A 25 0.52 3.87 1.76
N HIS A 26 0.83 4.89 2.56
CA HIS A 26 0.36 4.98 3.93
C HIS A 26 -0.98 5.68 4.02
N GLU A 27 -2.05 5.00 3.61
CA GLU A 27 -3.37 5.44 4.02
C GLU A 27 -3.49 5.40 5.54
N PHE A 28 -2.75 4.49 6.18
CA PHE A 28 -2.69 4.39 7.63
C PHE A 28 -1.61 5.34 8.14
N LEU A 29 -2.03 6.48 8.67
CA LEU A 29 -1.09 7.50 9.15
C LEU A 29 -0.31 7.03 10.36
N PHE A 30 -0.97 6.40 11.33
CA PHE A 30 -0.22 5.86 12.44
C PHE A 30 0.62 4.67 12.02
N GLY A 31 0.30 4.02 10.89
CA GLY A 31 1.26 3.13 10.26
C GLY A 31 2.50 3.86 9.79
N ALA A 32 2.31 5.04 9.22
CA ALA A 32 3.45 5.86 8.80
C ALA A 32 4.34 6.21 9.99
N LEU A 33 3.73 6.58 11.11
CA LEU A 33 4.49 6.80 12.35
C LEU A 33 5.15 5.51 12.83
N ALA A 34 4.41 4.40 12.75
CA ALA A 34 4.88 3.12 13.25
C ALA A 34 6.13 2.66 12.55
N GLU A 35 6.29 3.01 11.26
CA GLU A 35 7.51 2.62 10.56
C GLU A 35 8.75 3.29 11.17
N LEU A 36 8.65 4.58 11.49
CA LEU A 36 9.78 5.24 12.13
C LEU A 36 10.06 4.64 13.50
N VAL A 37 9.00 4.26 14.23
CA VAL A 37 9.23 3.61 15.52
C VAL A 37 9.84 2.22 15.34
N ASP A 38 9.48 1.53 14.26
CA ASP A 38 10.07 0.22 13.96
C ASP A 38 11.56 0.35 13.77
N ASN A 39 11.99 1.40 13.08
CA ASN A 39 13.41 1.62 12.89
C ASN A 39 14.12 1.82 14.22
N ALA A 40 13.45 2.52 15.14
CA ALA A 40 14.02 2.71 16.48
C ALA A 40 14.20 1.38 17.19
N ARG A 41 13.21 0.49 17.08
CA ARG A 41 13.40 -0.86 17.63
C ARG A 41 14.57 -1.56 16.98
N ASP A 42 14.66 -1.49 15.65
CA ASP A 42 15.71 -2.20 14.93
C ASP A 42 17.09 -1.69 15.31
N ALA A 43 17.18 -0.44 15.77
CA ALA A 43 18.41 0.05 16.38
C ALA A 43 18.58 -0.41 17.84
N ASP A 44 17.76 -1.35 18.32
CA ASP A 44 17.90 -1.92 19.65
C ASP A 44 17.69 -0.87 20.73
N ALA A 45 16.70 0.00 20.51
CA ALA A 45 16.42 1.05 21.48
C ALA A 45 15.77 0.48 22.72
N THR A 46 16.00 1.16 23.85
CA THR A 46 15.32 0.88 25.10
C THR A 46 14.21 1.86 25.41
N ARG A 47 14.34 3.11 24.94
CA ARG A 47 13.28 4.10 25.02
C ARG A 47 13.06 4.65 23.62
N ILE A 48 11.82 5.05 23.33
CA ILE A 48 11.52 5.83 22.14
C ILE A 48 10.53 6.92 22.53
N ASP A 49 11.02 8.14 22.79
CA ASP A 49 10.15 9.21 23.28
C ASP A 49 9.60 9.98 22.08
N ILE A 50 8.30 10.26 22.12
CA ILE A 50 7.55 10.65 20.93
C ILE A 50 6.79 11.95 21.24
N TYR A 51 7.40 12.79 22.08
CA TYR A 51 6.86 14.12 22.34
C TYR A 51 6.71 14.91 21.04
N ALA A 52 5.88 15.95 21.10
CA ALA A 52 5.63 16.82 19.95
C ALA A 52 5.78 18.27 20.41
N GLU A 53 6.93 18.87 20.10
CA GLU A 53 7.18 20.24 20.49
C GLU A 53 6.23 21.18 19.76
N ARG A 54 5.92 22.31 20.42
CA ARG A 54 4.92 23.25 19.92
C ARG A 54 5.65 24.43 19.28
N ARG A 55 5.69 24.44 17.95
CA ARG A 55 6.19 25.56 17.15
C ARG A 55 5.07 25.96 16.19
N GLU A 56 4.52 27.16 16.38
CA GLU A 56 3.39 27.62 15.58
C GLU A 56 3.81 28.31 14.30
N ASP A 57 5.09 28.68 14.16
CA ASP A 57 5.54 29.34 12.94
C ASP A 57 5.44 28.43 11.73
N LEU A 58 5.52 27.11 11.94
CA LEU A 58 5.46 26.15 10.86
C LEU A 58 4.02 25.74 10.58
N ARG A 59 3.82 25.12 9.43
CA ARG A 59 2.51 24.57 9.09
C ARG A 59 2.20 23.40 10.01
N GLY A 60 0.92 23.28 10.38
CA GLY A 60 0.46 22.26 11.29
C GLY A 60 0.49 22.67 12.74
N GLY A 61 1.25 23.72 13.08
CA GLY A 61 1.27 24.25 14.42
C GLY A 61 2.18 23.52 15.39
N PHE A 62 2.85 22.46 14.96
CA PHE A 62 3.75 21.73 15.85
C PHE A 62 4.67 20.84 15.02
N MET A 63 5.53 20.11 15.73
CA MET A 63 6.50 19.18 15.17
C MET A 63 6.33 17.84 15.86
N LEU A 64 6.43 16.75 15.09
CA LEU A 64 6.16 15.40 15.58
C LEU A 64 7.51 14.69 15.76
N CYS A 65 7.96 14.61 17.01
CA CYS A 65 9.30 14.14 17.32
C CYS A 65 9.28 12.66 17.69
N PHE A 66 10.41 11.96 17.41
CA PHE A 66 10.60 10.54 17.77
C PHE A 66 11.99 10.36 18.41
N LEU A 67 12.13 10.71 19.69
CA LEU A 67 13.38 10.51 20.41
C LEU A 67 13.54 9.03 20.75
N ASP A 68 14.79 8.55 20.77
CA ASP A 68 15.04 7.18 21.24
C ASP A 68 16.47 7.08 21.78
N ASP A 69 16.74 5.95 22.44
CA ASP A 69 17.99 5.70 23.17
C ASP A 69 18.79 4.55 22.56
N GLY A 70 18.54 4.22 21.31
CA GLY A 70 19.06 3.01 20.71
C GLY A 70 20.39 3.16 20.03
N ALA A 71 20.70 2.20 19.18
CA ALA A 71 21.94 2.18 18.43
C ALA A 71 21.83 2.96 17.13
N GLY A 72 20.90 3.92 17.08
CA GLY A 72 20.87 5.01 16.11
C GLY A 72 21.33 4.69 14.70
N MET A 73 22.18 5.54 14.15
CA MET A 73 22.84 5.26 12.88
C MET A 73 24.19 5.96 12.85
N ASP A 74 25.14 5.31 12.21
CA ASP A 74 26.36 5.99 11.79
C ASP A 74 26.00 6.78 10.53
N PRO A 75 26.89 7.63 10.02
CA PRO A 75 26.60 8.29 8.73
C PRO A 75 26.34 7.32 7.59
N SER A 76 27.00 6.15 7.58
CA SER A 76 26.75 5.18 6.52
C SER A 76 25.33 4.62 6.60
N ASP A 77 24.90 4.21 7.80
CA ASP A 77 23.55 3.71 7.96
C ASP A 77 22.53 4.83 7.82
N ALA A 78 22.96 6.09 7.97
CA ALA A 78 22.09 7.22 7.65
C ALA A 78 21.89 7.34 6.14
N ALA A 79 22.98 7.31 5.38
CA ALA A 79 22.88 7.38 3.92
C ALA A 79 22.11 6.18 3.38
N SER A 80 22.17 5.05 4.06
CA SER A 80 21.36 3.90 3.69
C SER A 80 19.87 4.15 3.87
N VAL A 81 19.47 5.17 4.64
CA VAL A 81 18.05 5.47 4.80
C VAL A 81 17.43 5.96 3.50
N ILE A 82 18.10 6.86 2.80
CA ILE A 82 17.57 7.38 1.54
C ILE A 82 17.79 6.41 0.39
N GLN A 83 18.64 5.40 0.55
CA GLN A 83 18.77 4.32 -0.44
C GLN A 83 17.50 3.49 -0.34
N PHE A 84 16.52 3.87 -1.15
CA PHE A 84 15.23 3.19 -1.13
C PHE A 84 15.44 1.72 -1.49
N GLY A 85 14.82 0.84 -0.71
CA GLY A 85 15.02 -0.60 -0.84
C GLY A 85 16.11 -1.15 0.05
N LYS A 86 17.19 -0.39 0.22
CA LYS A 86 18.35 -0.87 0.98
C LYS A 86 17.96 -1.01 2.44
N SER A 87 18.14 -2.22 2.98
CA SER A 87 18.00 -2.49 4.42
C SER A 87 19.20 -3.36 4.79
N ALA A 88 20.15 -2.74 5.50
CA ALA A 88 21.35 -3.47 5.93
C ALA A 88 21.03 -4.53 6.98
N LYS A 89 19.81 -4.50 7.53
CA LYS A 89 19.35 -5.48 8.50
C LYS A 89 19.36 -6.91 7.96
N ARG A 90 19.36 -7.07 6.64
CA ARG A 90 19.40 -8.38 5.99
C ARG A 90 20.53 -9.21 6.58
N THR A 91 20.19 -10.28 7.31
CA THR A 91 21.12 -11.01 8.16
C THR A 91 20.43 -12.25 8.71
N PRO A 92 21.16 -13.24 9.22
CA PRO A 92 20.50 -14.41 9.84
C PRO A 92 19.55 -14.05 10.98
N GLU A 93 18.40 -14.74 10.99
CA GLU A 93 17.34 -14.60 12.01
C GLU A 93 17.07 -13.12 12.31
N SER A 94 17.36 -12.64 13.54
CA SER A 94 17.52 -11.21 13.77
C SER A 94 16.26 -10.42 13.42
N THR A 95 15.26 -10.45 14.30
CA THR A 95 13.91 -9.92 14.06
C THR A 95 13.86 -8.67 13.18
N GLN A 96 14.57 -7.61 13.59
CA GLN A 96 15.03 -6.52 12.72
C GLN A 96 14.02 -6.07 11.67
N ILE A 97 12.92 -5.44 12.11
CA ILE A 97 11.73 -5.11 11.32
C ILE A 97 12.07 -4.67 9.90
N GLY A 98 13.10 -3.84 9.77
CA GLY A 98 13.49 -3.37 8.46
C GLY A 98 14.04 -4.43 7.55
N GLN A 99 13.31 -4.68 6.45
CA GLN A 99 13.76 -5.57 5.39
C GLN A 99 13.60 -4.90 4.02
N TYR A 100 12.58 -4.05 3.90
CA TYR A 100 12.23 -3.39 2.65
C TYR A 100 12.99 -2.11 2.40
N GLY A 101 13.70 -1.58 3.38
CA GLY A 101 14.42 -0.33 3.22
C GLY A 101 13.56 0.86 2.83
N ASN A 102 12.25 0.79 3.07
CA ASN A 102 11.39 1.95 2.84
C ASN A 102 10.24 1.85 3.86
N GLY A 103 10.46 2.44 5.04
CA GLY A 103 9.37 2.76 5.93
C GLY A 103 9.45 4.16 6.50
N LEU A 104 10.67 4.65 6.75
CA LEU A 104 10.82 5.98 7.31
C LEU A 104 10.52 7.05 6.27
N LYS A 105 11.07 6.88 5.08
CA LYS A 105 10.77 7.77 3.96
C LYS A 105 9.32 7.66 3.56
N SER A 106 8.75 6.46 3.64
CA SER A 106 7.33 6.29 3.36
C SER A 106 6.47 7.03 4.37
N GLY A 107 6.84 6.97 5.64
CA GLY A 107 5.96 7.45 6.70
C GLY A 107 6.09 8.92 7.02
N SER A 108 7.32 9.44 7.06
CA SER A 108 7.52 10.84 7.40
C SER A 108 6.91 11.78 6.36
N MET A 109 6.77 11.32 5.12
CA MET A 109 6.15 12.10 4.05
C MET A 109 4.64 11.91 3.97
N ARG A 110 4.10 10.81 4.47
CA ARG A 110 2.68 10.76 4.74
C ARG A 110 2.31 11.63 5.92
N ILE A 111 3.24 11.85 6.83
CA ILE A 111 2.92 12.47 8.11
C ILE A 111 2.85 13.98 7.94
N GLY A 112 3.88 14.52 7.31
CA GLY A 112 3.93 15.93 7.02
C GLY A 112 4.67 16.14 5.71
N LYS A 113 4.69 17.40 5.27
CA LYS A 113 5.48 17.72 4.09
C LYS A 113 6.94 17.36 4.33
N ASP A 114 7.49 17.79 5.47
CA ASP A 114 8.91 17.70 5.74
C ASP A 114 9.19 16.81 6.94
N PHE A 115 10.48 16.50 7.10
CA PHE A 115 10.95 15.83 8.30
C PHE A 115 12.44 15.97 8.50
N ILE A 116 12.88 16.02 9.75
CA ILE A 116 14.28 16.21 10.12
C ILE A 116 14.65 15.17 11.15
N LEU A 117 15.78 14.50 10.91
CA LEU A 117 16.29 13.42 11.75
C LEU A 117 17.52 13.89 12.50
N PHE A 118 17.77 13.26 13.65
CA PHE A 118 18.88 13.63 14.52
C PHE A 118 19.51 12.39 15.16
N THR A 119 19.82 11.37 14.35
CA THR A 119 20.26 10.11 14.93
C THR A 119 21.59 10.27 15.66
N LYS A 120 21.97 9.25 16.44
CA LYS A 120 23.22 9.31 17.17
C LYS A 120 23.70 7.91 17.53
N LYS A 121 24.99 7.68 17.35
CA LYS A 121 25.68 6.43 17.67
C LYS A 121 27.13 6.71 17.98
N GLU A 122 27.68 5.97 18.95
CA GLU A 122 29.12 5.85 19.16
C GLU A 122 29.73 7.24 19.37
N ASP A 123 30.24 7.86 18.30
CA ASP A 123 30.82 9.18 18.33
C ASP A 123 30.32 10.03 17.16
N THR A 124 29.12 9.71 16.67
CA THR A 124 28.52 10.40 15.54
C THR A 124 27.07 10.73 15.88
N MET A 125 26.61 11.86 15.35
CA MET A 125 25.21 12.28 15.46
C MET A 125 24.79 12.80 14.08
N THR A 126 24.29 11.88 13.25
CA THR A 126 23.90 12.22 11.90
C THR A 126 22.52 12.85 11.90
N CYS A 127 22.33 13.81 11.03
CA CYS A 127 21.03 14.39 10.74
C CYS A 127 20.60 14.00 9.33
N LEU A 128 19.30 13.80 9.15
CA LEU A 128 18.72 13.38 7.89
C LEU A 128 17.47 14.25 7.72
N PHE A 129 17.66 15.38 7.03
CA PHE A 129 16.60 16.35 6.83
C PHE A 129 16.10 16.22 5.40
N LEU A 130 14.90 15.69 5.25
CA LEU A 130 14.21 15.66 3.96
C LEU A 130 12.98 16.54 4.12
N SER A 131 12.84 17.53 3.24
CA SER A 131 11.78 18.52 3.33
C SER A 131 11.14 18.74 1.97
N ARG A 132 9.84 18.44 1.90
CA ARG A 132 9.09 18.67 0.67
C ARG A 132 8.64 20.13 0.56
N THR A 133 8.65 20.87 1.67
CA THR A 133 8.42 22.31 1.61
C THR A 133 9.54 22.99 0.84
N PHE A 134 10.79 22.64 1.16
CA PHE A 134 11.93 23.11 0.37
C PHE A 134 11.75 22.77 -1.10
N HIS A 135 11.36 21.55 -1.38
CA HIS A 135 11.21 21.12 -2.77
C HIS A 135 10.13 21.91 -3.49
N GLU A 136 9.00 22.17 -2.82
CA GLU A 136 7.94 22.94 -3.45
C GLU A 136 8.35 24.39 -3.65
N GLU A 137 9.02 24.99 -2.66
CA GLU A 137 9.38 26.40 -2.75
C GLU A 137 10.54 26.67 -3.71
N GLU A 138 11.42 25.70 -3.94
CA GLU A 138 12.55 25.89 -4.85
C GLU A 138 12.49 25.05 -6.12
N GLY A 139 11.41 24.31 -6.36
CA GLY A 139 11.23 23.64 -7.64
C GLY A 139 12.11 22.42 -7.84
N ILE A 140 12.10 21.52 -6.87
CA ILE A 140 12.92 20.32 -6.92
C ILE A 140 12.14 19.23 -7.66
N ASP A 141 12.78 18.62 -8.67
CA ASP A 141 12.22 17.46 -9.35
C ASP A 141 12.72 16.14 -8.79
N GLU A 142 13.96 16.10 -8.30
CA GLU A 142 14.54 14.89 -7.72
C GLU A 142 14.11 14.79 -6.25
N VAL A 143 14.79 13.95 -5.48
CA VAL A 143 14.59 13.87 -4.03
C VAL A 143 15.87 14.28 -3.33
N ILE A 144 15.98 15.55 -2.97
CA ILE A 144 17.15 16.09 -2.31
C ILE A 144 17.00 15.95 -0.80
N VAL A 145 17.80 15.07 -0.21
CA VAL A 145 17.71 14.74 1.22
C VAL A 145 18.95 15.21 1.95
N PRO A 146 18.93 16.40 2.56
CA PRO A 146 20.07 16.81 3.37
C PRO A 146 20.51 15.82 4.45
N LEU A 147 21.82 15.54 4.46
CA LEU A 147 22.44 14.57 5.37
C LEU A 147 23.66 15.17 6.05
N PRO A 148 23.45 16.08 7.01
CA PRO A 148 24.58 16.55 7.81
C PRO A 148 24.82 15.66 9.02
N THR A 149 26.07 15.61 9.46
CA THR A 149 26.47 14.83 10.62
C THR A 149 27.48 15.60 11.46
N TRP A 150 27.40 15.42 12.78
CA TRP A 150 28.31 16.00 13.74
C TRP A 150 28.89 14.90 14.63
N ASN A 151 29.82 15.28 15.49
CA ASN A 151 30.40 14.38 16.48
C ASN A 151 29.49 14.32 17.71
N ALA A 152 29.31 13.12 18.26
CA ALA A 152 28.40 12.96 19.39
C ALA A 152 28.85 13.73 20.61
N ARG A 153 30.17 13.89 20.79
CA ARG A 153 30.71 14.54 21.99
C ARG A 153 30.91 16.04 21.74
N THR A 154 31.73 16.38 20.76
CA THR A 154 32.07 17.79 20.52
C THR A 154 30.97 18.53 19.77
N ARG A 155 30.02 17.81 19.15
CA ARG A 155 28.97 18.44 18.36
C ARG A 155 29.56 19.30 17.25
N GLU A 156 30.69 18.85 16.69
CA GLU A 156 31.38 19.47 15.58
C GLU A 156 31.16 18.63 14.32
N PRO A 157 31.23 19.24 13.12
CA PRO A 157 30.80 18.52 11.92
C PRO A 157 31.67 17.31 11.61
N VAL A 158 31.01 16.26 11.12
CA VAL A 158 31.69 15.06 10.64
C VAL A 158 31.18 14.73 9.25
N THR A 159 31.81 15.29 8.22
CA THR A 159 31.37 15.07 6.85
C THR A 159 32.50 15.50 5.92
N ASP A 160 32.59 14.83 4.77
CA ASP A 160 33.68 15.07 3.83
C ASP A 160 33.48 16.40 3.11
N ASN A 161 32.34 16.60 2.46
CA ASN A 161 32.11 17.76 1.60
C ASN A 161 31.51 18.89 2.44
N VAL A 162 32.33 19.92 2.68
CA VAL A 162 31.92 21.02 3.54
C VAL A 162 30.83 21.85 2.87
N GLU A 163 30.90 22.03 1.55
CA GLU A 163 29.86 22.78 0.86
C GLU A 163 28.52 22.04 0.93
N LYS A 164 28.55 20.73 0.73
CA LYS A 164 27.36 19.90 0.94
C LYS A 164 26.82 20.11 2.35
N PHE A 165 27.71 20.07 3.34
CA PHE A 165 27.30 20.26 4.73
C PHE A 165 26.61 21.60 4.93
N ALA A 166 27.21 22.65 4.36
CA ALA A 166 26.65 24.00 4.53
C ALA A 166 25.27 24.08 3.90
N ILE A 167 25.10 23.48 2.72
CA ILE A 167 23.79 23.48 2.08
C ILE A 167 22.77 22.74 2.94
N GLU A 168 23.19 21.60 3.49
CA GLU A 168 22.29 20.79 4.32
C GLU A 168 21.83 21.57 5.54
N THR A 169 22.78 22.15 6.28
CA THR A 169 22.44 22.90 7.48
C THR A 169 21.66 24.15 7.14
N GLU A 170 21.95 24.78 6.00
CA GLU A 170 21.19 25.96 5.58
C GLU A 170 19.74 25.61 5.32
N LEU A 171 19.50 24.48 4.65
CA LEU A 171 18.12 24.05 4.43
C LEU A 171 17.43 23.72 5.75
N ILE A 172 18.16 23.09 6.67
CA ILE A 172 17.60 22.79 7.98
C ILE A 172 17.19 24.08 8.69
N TYR A 173 18.05 25.09 8.67
CA TYR A 173 17.75 26.35 9.34
C TYR A 173 16.83 27.25 8.52
N LYS A 174 16.52 26.89 7.28
CA LYS A 174 15.56 27.62 6.47
C LYS A 174 14.14 27.09 6.55
N TYR A 175 13.98 25.77 6.71
CA TYR A 175 12.64 25.17 6.71
C TYR A 175 12.31 24.45 8.01
N SER A 176 13.30 23.88 8.68
CA SER A 176 13.09 23.14 9.91
C SER A 176 12.57 24.03 11.02
N PRO A 177 11.99 23.47 12.10
CA PRO A 177 11.65 24.31 13.26
C PRO A 177 12.87 24.96 13.88
N PHE A 178 14.05 24.38 13.64
CA PHE A 178 15.27 24.75 14.32
C PHE A 178 16.10 25.63 13.40
N ARG A 179 16.04 26.94 13.63
CA ARG A 179 16.60 27.92 12.72
C ARG A 179 18.07 28.18 12.96
N THR A 180 18.73 27.37 13.78
CA THR A 180 20.17 27.52 13.95
C THR A 180 20.76 26.28 14.60
N GLU A 181 22.09 26.21 14.52
CA GLU A 181 22.83 25.08 15.07
C GLU A 181 22.59 24.91 16.56
N GLU A 182 22.35 26.02 17.28
CA GLU A 182 22.13 25.91 18.71
C GLU A 182 20.87 25.12 19.03
N GLU A 183 19.78 25.39 18.31
CA GLU A 183 18.56 24.62 18.54
C GLU A 183 18.68 23.21 17.99
N VAL A 184 19.41 23.03 16.88
CA VAL A 184 19.64 21.67 16.39
C VAL A 184 20.39 20.85 17.44
N MET A 185 21.40 21.46 18.08
CA MET A 185 22.14 20.76 19.12
C MET A 185 21.28 20.55 20.35
N THR A 186 20.36 21.46 20.64
CA THR A 186 19.41 21.20 21.72
C THR A 186 18.63 19.93 21.44
N GLN A 187 18.13 19.79 20.21
CA GLN A 187 17.39 18.58 19.84
C GLN A 187 18.28 17.35 19.94
N PHE A 188 19.55 17.46 19.53
CA PHE A 188 20.48 16.35 19.71
C PHE A 188 20.64 15.99 21.17
N MET A 189 20.88 16.99 22.02
CA MET A 189 21.07 16.78 23.45
C MET A 189 19.84 16.22 24.13
N LYS A 190 18.66 16.31 23.50
CA LYS A 190 17.52 15.58 24.06
C LYS A 190 17.77 14.08 24.09
N ILE A 191 18.62 13.57 23.19
CA ILE A 191 18.99 12.15 23.23
C ILE A 191 19.83 11.93 24.47
N PRO A 192 19.32 11.25 25.52
CA PRO A 192 20.08 11.25 26.78
C PRO A 192 21.39 10.48 26.71
N GLY A 193 21.39 9.29 26.11
CA GLY A 193 22.58 8.47 26.06
C GLY A 193 23.54 8.91 24.98
N ASP A 194 24.60 8.11 24.81
CA ASP A 194 25.60 8.34 23.78
C ASP A 194 25.19 7.75 22.43
N SER A 195 24.01 7.12 22.36
CA SER A 195 23.48 6.62 21.11
C SER A 195 21.96 6.72 21.17
N GLY A 196 21.35 7.00 20.04
CA GLY A 196 19.91 7.18 19.98
C GLY A 196 19.54 7.96 18.73
N THR A 197 18.27 8.34 18.67
CA THR A 197 17.79 9.06 17.49
C THR A 197 16.52 9.83 17.80
N LEU A 198 16.44 11.02 17.21
CA LEU A 198 15.31 11.93 17.31
C LEU A 198 14.86 12.26 15.88
N VAL A 199 13.70 11.73 15.50
CA VAL A 199 13.10 12.01 14.19
C VAL A 199 11.99 13.02 14.44
N ILE A 200 12.09 14.19 13.81
CA ILE A 200 11.04 15.21 13.84
C ILE A 200 10.41 15.29 12.46
N ILE A 201 9.09 15.44 12.43
CA ILE A 201 8.33 15.56 11.20
C ILE A 201 7.48 16.83 11.34
N PHE A 202 7.75 17.80 10.48
CA PHE A 202 7.23 19.15 10.59
C PHE A 202 6.60 19.59 9.28
N ASN A 203 5.99 20.79 9.30
CA ASN A 203 5.13 21.27 8.23
C ASN A 203 4.09 20.20 7.91
N LEU A 204 3.27 19.90 8.92
CA LEU A 204 2.50 18.67 8.90
C LEU A 204 1.27 18.79 8.00
N LYS A 205 0.77 17.64 7.58
CA LYS A 205 -0.39 17.59 6.68
C LYS A 205 -1.57 18.29 7.32
N LEU A 206 -1.94 19.44 6.76
CA LEU A 206 -3.13 20.15 7.20
C LEU A 206 -4.35 19.41 6.69
N MET A 207 -5.34 19.26 7.54
CA MET A 207 -6.57 18.61 7.12
C MET A 207 -7.36 19.58 6.23
N ASP A 208 -8.51 19.12 5.74
CA ASP A 208 -9.33 19.99 4.89
C ASP A 208 -9.82 21.22 5.67
N ASN A 209 -10.00 21.07 6.98
CA ASN A 209 -10.46 22.20 7.79
C ASN A 209 -9.36 23.24 7.98
N GLY A 210 -8.11 22.80 8.12
CA GLY A 210 -6.97 23.66 8.40
C GLY A 210 -6.13 23.21 9.57
N GLU A 211 -6.65 22.35 10.44
CA GLU A 211 -5.87 21.80 11.54
C GLU A 211 -4.85 20.82 10.98
N PRO A 212 -3.79 20.50 11.75
CA PRO A 212 -2.85 19.46 11.29
C PRO A 212 -3.53 18.10 11.15
N GLU A 213 -2.81 17.09 10.67
CA GLU A 213 -3.40 15.76 10.58
C GLU A 213 -3.31 14.97 11.87
N LEU A 214 -2.56 15.46 12.87
CA LEU A 214 -2.33 14.75 14.12
C LEU A 214 -2.61 15.69 15.29
N ASP A 215 -3.55 15.31 16.13
CA ASP A 215 -3.86 16.11 17.32
C ASP A 215 -2.87 15.83 18.43
N ILE A 216 -2.29 16.89 18.99
CA ILE A 216 -1.56 16.82 20.25
C ILE A 216 -2.17 17.79 21.26
N ILE A 217 -3.32 18.38 20.93
CA ILE A 217 -3.96 19.38 21.76
C ILE A 217 -5.12 18.77 22.56
N SER A 218 -5.86 17.85 21.95
CA SER A 218 -6.97 17.21 22.65
C SER A 218 -6.46 16.43 23.86
N ASN A 219 -5.34 15.72 23.70
CA ASN A 219 -4.68 15.00 24.78
C ASN A 219 -3.19 15.33 24.70
N PRO A 220 -2.66 16.24 25.54
CA PRO A 220 -1.25 16.61 25.41
C PRO A 220 -0.28 15.50 25.76
N ARG A 221 -0.75 14.38 26.30
CA ARG A 221 0.08 13.23 26.63
C ARG A 221 -0.03 12.13 25.57
N ASP A 222 -0.36 12.50 24.34
CA ASP A 222 -0.66 11.53 23.28
C ASP A 222 -0.64 12.27 21.96
N ILE A 223 -0.45 11.50 20.88
CA ILE A 223 -0.61 11.97 19.51
C ILE A 223 -1.82 11.23 18.94
N GLN A 224 -2.83 11.98 18.51
CA GLN A 224 -4.10 11.44 18.06
C GLN A 224 -4.44 11.94 16.66
N MET A 225 -5.40 11.28 16.03
CA MET A 225 -5.94 11.75 14.76
C MET A 225 -6.66 13.08 14.96
N ALA A 226 -6.17 14.11 14.26
CA ALA A 226 -6.87 15.38 14.26
C ALA A 226 -8.25 15.25 13.62
N GLU A 227 -8.40 14.34 12.67
CA GLU A 227 -9.72 13.95 12.22
C GLU A 227 -10.52 13.44 13.42
N THR A 228 -11.78 13.87 13.50
CA THR A 228 -12.64 13.34 14.55
C THR A 228 -12.82 11.85 14.29
N SER A 229 -12.25 11.03 15.16
CA SER A 229 -12.19 9.60 14.93
C SER A 229 -13.59 9.01 15.10
N PRO A 230 -14.26 8.54 14.03
CA PRO A 230 -15.67 8.13 14.19
C PRO A 230 -15.84 6.78 14.86
N GLU A 231 -16.22 6.80 16.15
CA GLU A 231 -16.65 5.65 16.93
C GLU A 231 -15.83 4.38 16.70
N GLY A 232 -16.00 3.76 15.54
CA GLY A 232 -15.37 2.51 15.22
C GLY A 232 -13.85 2.57 15.14
N THR A 233 -13.30 3.78 15.02
CA THR A 233 -11.87 3.98 14.95
C THR A 233 -11.19 3.39 16.17
N LYS A 234 -10.28 2.45 15.95
CA LYS A 234 -9.62 1.77 17.06
C LYS A 234 -8.62 2.73 17.69
N PRO A 235 -8.24 2.51 18.97
CA PRO A 235 -7.18 3.35 19.55
C PRO A 235 -5.91 3.32 18.76
N GLU A 236 -5.57 2.16 18.19
CA GLU A 236 -4.36 2.00 17.44
C GLU A 236 -4.35 2.84 16.16
N ARG A 237 -5.54 3.17 15.63
CA ARG A 237 -5.67 4.04 14.47
CA ARG A 237 -5.68 4.04 14.47
C ARG A 237 -6.23 5.41 14.85
N ARG A 238 -6.53 5.64 16.13
CA ARG A 238 -6.90 6.95 16.65
C ARG A 238 -5.94 7.41 17.73
N SER A 239 -4.94 6.60 18.07
CA SER A 239 -3.93 7.00 19.04
C SER A 239 -2.65 6.25 18.73
N PHE A 240 -1.62 6.99 18.32
CA PHE A 240 -0.33 6.35 18.13
C PHE A 240 0.25 5.83 19.44
N ARG A 241 -0.23 6.31 20.58
CA ARG A 241 0.15 5.70 21.84
C ARG A 241 -0.31 4.25 21.87
N ALA A 242 -1.54 3.98 21.45
CA ALA A 242 -1.99 2.59 21.35
C ALA A 242 -1.20 1.82 20.30
N TYR A 243 -0.95 2.42 19.13
CA TYR A 243 -0.19 1.69 18.11
C TYR A 243 1.21 1.34 18.60
N ALA A 244 1.93 2.32 19.16
CA ALA A 244 3.24 2.03 19.70
C ALA A 244 3.17 1.01 20.83
N ALA A 245 2.08 1.00 21.59
CA ALA A 245 1.91 0.01 22.63
C ALA A 245 1.91 -1.41 22.06
N VAL A 246 1.19 -1.62 20.96
CA VAL A 246 1.06 -2.95 20.38
C VAL A 246 1.89 -3.10 19.10
N LEU A 247 2.96 -2.32 18.95
CA LEU A 247 3.68 -2.29 17.68
C LEU A 247 4.56 -3.51 17.45
N TYR A 248 4.90 -4.26 18.50
CA TYR A 248 5.84 -5.37 18.40
C TYR A 248 5.35 -6.57 19.18
N ILE A 249 5.81 -7.75 18.75
CA ILE A 249 5.52 -8.98 19.46
C ILE A 249 6.40 -9.11 20.71
N ASP A 250 7.63 -8.62 20.64
CA ASP A 250 8.56 -8.62 21.78
C ASP A 250 9.19 -7.23 21.91
N PRO A 251 8.44 -6.24 22.40
CA PRO A 251 9.04 -4.93 22.63
C PRO A 251 10.00 -4.95 23.81
N ARG A 252 11.30 -4.97 23.52
CA ARG A 252 12.32 -4.76 24.53
C ARG A 252 12.65 -3.27 24.51
N MET A 253 11.63 -2.43 24.67
CA MET A 253 11.80 -1.00 24.50
C MET A 253 10.55 -0.32 25.01
N ARG A 254 10.70 0.94 25.42
CA ARG A 254 9.65 1.73 26.03
C ARG A 254 9.34 2.92 25.14
N ILE A 255 8.09 3.37 25.18
CA ILE A 255 7.64 4.46 24.32
C ILE A 255 7.15 5.57 25.24
N PHE A 256 7.77 6.75 25.14
CA PHE A 256 7.39 7.92 25.93
C PHE A 256 6.74 8.96 25.01
N ILE A 257 5.43 8.82 24.78
CA ILE A 257 4.75 9.88 24.02
C ILE A 257 4.49 11.06 24.93
N HIS A 258 5.10 12.20 24.59
CA HIS A 258 4.95 13.46 25.33
C HIS A 258 5.40 13.29 26.79
N GLY A 259 6.60 12.73 26.93
CA GLY A 259 7.20 12.54 28.23
C GLY A 259 6.32 11.71 29.13
N HIS A 260 5.66 10.70 28.55
CA HIS A 260 4.69 9.90 29.29
C HIS A 260 4.77 8.48 28.71
N LYS A 261 5.19 7.54 29.57
CA LYS A 261 5.36 6.16 29.13
C LYS A 261 4.07 5.58 28.60
N VAL A 262 4.17 4.91 27.45
CA VAL A 262 3.18 3.93 27.03
C VAL A 262 3.44 2.62 27.75
N GLN A 263 2.36 2.06 28.32
CA GLN A 263 2.41 0.72 28.87
C GLN A 263 2.44 -0.22 27.66
N THR A 264 3.65 -0.40 27.12
CA THR A 264 3.84 -1.24 25.96
C THR A 264 3.43 -2.66 26.29
N LYS A 265 3.02 -3.41 25.26
CA LYS A 265 2.53 -4.77 25.45
C LYS A 265 3.10 -5.68 24.38
N ARG A 266 3.57 -6.86 24.82
CA ARG A 266 3.91 -7.93 23.90
C ARG A 266 2.73 -8.41 23.09
N LEU A 267 1.51 -8.26 23.62
CA LEU A 267 0.23 -8.74 23.10
C LEU A 267 0.08 -10.27 23.22
N SER A 268 1.16 -11.00 23.51
CA SER A 268 1.05 -12.41 23.82
C SER A 268 0.85 -12.58 25.31
N CYS A 269 1.58 -11.76 26.09
CA CYS A 269 1.45 -11.78 27.54
C CYS A 269 0.04 -11.37 27.97
N CYS A 270 -0.42 -10.22 27.48
CA CYS A 270 -1.63 -9.59 27.99
C CYS A 270 -2.87 -10.10 27.25
N LEU A 271 -3.08 -11.42 27.33
CA LEU A 271 -4.28 -12.02 26.76
C LEU A 271 -4.75 -13.17 27.64
N TYR A 272 -6.00 -13.55 27.44
CA TYR A 272 -6.65 -14.60 28.22
C TYR A 272 -6.39 -15.97 27.60
N LYS A 273 -5.66 -16.82 28.33
CA LYS A 273 -5.20 -18.10 27.82
C LYS A 273 -4.39 -17.90 26.55
N PRO A 274 -3.20 -17.31 26.65
CA PRO A 274 -2.36 -17.13 25.44
C PRO A 274 -1.76 -18.45 24.95
N ARG A 275 -2.60 -19.24 24.28
CA ARG A 275 -2.20 -20.55 23.80
C ARG A 275 -1.46 -20.42 22.47
N MET A 276 -0.28 -21.02 22.39
CA MET A 276 0.57 -20.98 21.21
C MET A 276 0.46 -22.28 20.44
N TYR A 277 0.09 -22.17 19.15
CA TYR A 277 -0.06 -23.33 18.28
C TYR A 277 1.11 -23.38 17.29
N LYS A 278 1.85 -24.49 17.33
CA LYS A 278 2.94 -24.77 16.39
C LYS A 278 2.32 -25.43 15.15
N TYR A 279 1.90 -24.59 14.20
CA TYR A 279 1.19 -25.03 13.01
C TYR A 279 2.04 -24.77 11.77
N THR A 280 2.10 -25.76 10.87
CA THR A 280 2.78 -25.64 9.59
C THR A 280 1.86 -25.05 8.51
N SER A 281 0.76 -24.41 8.92
CA SER A 281 -0.22 -23.73 8.07
C SER A 281 -0.64 -24.54 6.84
N SER A 282 -0.54 -25.87 6.90
CA SER A 282 -0.64 -26.72 5.72
C SER A 282 0.44 -26.36 4.70
N ARG A 283 0.35 -25.16 4.12
CA ARG A 283 1.33 -24.72 3.13
C ARG A 283 2.74 -24.61 3.74
N PHE A 284 2.86 -24.05 4.94
CA PHE A 284 4.21 -23.78 5.46
C PHE A 284 4.96 -25.07 5.77
N LYS A 285 4.27 -26.21 5.86
CA LYS A 285 4.98 -27.47 5.77
C LYS A 285 5.63 -27.61 4.40
N THR A 286 4.95 -27.12 3.36
CA THR A 286 5.58 -27.03 2.04
C THR A 286 6.55 -25.86 1.97
N ARG A 287 6.16 -24.70 2.51
CA ARG A 287 7.05 -23.55 2.60
C ARG A 287 7.98 -23.63 3.82
N ALA A 288 8.07 -24.80 4.46
CA ALA A 288 9.24 -25.15 5.24
C ALA A 288 10.30 -25.78 4.37
N GLU A 289 9.88 -26.68 3.47
CA GLU A 289 10.79 -27.27 2.50
C GLU A 289 11.30 -26.19 1.54
N GLN A 290 10.40 -25.44 0.92
CA GLN A 290 10.80 -24.32 0.07
C GLN A 290 11.57 -23.28 0.85
N GLU A 291 11.27 -23.09 2.14
CA GLU A 291 12.11 -22.25 2.99
C GLU A 291 13.50 -22.86 3.16
N VAL A 292 13.59 -24.16 3.38
CA VAL A 292 14.88 -24.84 3.36
C VAL A 292 15.52 -24.69 1.99
N LYS A 293 14.73 -24.87 0.93
CA LYS A 293 15.24 -24.71 -0.42
C LYS A 293 15.61 -23.26 -0.70
N LYS A 294 14.82 -22.31 -0.19
CA LYS A 294 15.12 -20.89 -0.38
C LYS A 294 16.46 -20.56 0.24
N ALA A 295 16.62 -20.90 1.52
CA ALA A 295 17.89 -20.64 2.20
C ALA A 295 19.02 -21.47 1.61
N GLU A 296 18.69 -22.61 0.99
CA GLU A 296 19.73 -23.44 0.38
C GLU A 296 20.13 -22.90 -0.99
N HIS A 297 19.16 -22.71 -1.88
CA HIS A 297 19.46 -22.22 -3.22
C HIS A 297 19.98 -20.80 -3.21
N VAL A 298 19.61 -19.98 -2.23
CA VAL A 298 20.10 -18.61 -2.15
C VAL A 298 21.46 -18.63 -1.47
N ALA A 299 21.67 -19.58 -0.56
CA ALA A 299 23.02 -19.84 -0.09
C ALA A 299 23.89 -20.38 -1.22
N ARG A 300 23.29 -21.15 -2.13
CA ARG A 300 23.99 -21.52 -3.36
C ARG A 300 24.30 -20.27 -4.18
N ILE A 301 23.36 -19.34 -4.26
CA ILE A 301 23.65 -18.05 -4.88
C ILE A 301 24.70 -17.30 -4.07
N ALA A 302 24.61 -17.39 -2.75
CA ALA A 302 25.66 -16.82 -1.90
C ALA A 302 27.00 -17.49 -2.18
N GLU A 303 26.99 -18.80 -2.38
CA GLU A 303 28.20 -19.50 -2.79
C GLU A 303 28.63 -19.08 -4.19
N GLU A 304 27.67 -18.90 -5.10
CA GLU A 304 28.01 -18.55 -6.48
C GLU A 304 28.65 -17.17 -6.55
N LYS A 305 28.07 -16.18 -5.89
CA LYS A 305 28.70 -14.86 -5.85
C LYS A 305 30.03 -14.91 -5.12
N ALA A 306 30.12 -15.71 -4.05
CA ALA A 306 31.37 -15.88 -3.34
C ALA A 306 32.41 -16.61 -4.19
N ARG A 307 31.97 -17.58 -4.99
CA ARG A 307 32.89 -18.35 -5.82
C ARG A 307 33.42 -17.48 -6.95
N ARG A 343 33.61 -15.29 1.03
CA ARG A 343 33.29 -16.69 1.24
C ARG A 343 32.45 -16.88 2.50
N ARG A 344 32.74 -16.06 3.52
CA ARG A 344 32.02 -16.19 4.79
C ARG A 344 30.54 -15.84 4.64
N GLU A 345 30.20 -14.97 3.69
CA GLU A 345 28.79 -14.66 3.46
C GLU A 345 28.04 -15.91 3.00
N ALA A 346 28.66 -16.75 2.17
CA ALA A 346 28.07 -18.03 1.83
C ALA A 346 28.05 -18.94 3.05
N ASP A 347 29.11 -18.91 3.87
CA ASP A 347 29.11 -19.69 5.09
C ASP A 347 28.04 -19.20 6.05
N VAL A 348 27.84 -17.89 6.13
CA VAL A 348 26.75 -17.35 6.94
C VAL A 348 25.41 -17.84 6.40
N LYS A 349 25.23 -17.80 5.08
CA LYS A 349 23.98 -18.25 4.49
C LYS A 349 23.89 -19.77 4.47
N LYS A 350 25.03 -20.46 4.46
CA LYS A 350 25.01 -21.91 4.64
C LYS A 350 24.57 -22.29 6.04
N ARG A 351 25.10 -21.58 7.05
CA ARG A 351 24.64 -21.81 8.41
C ARG A 351 23.18 -21.41 8.57
N ILE A 352 22.71 -20.43 7.80
CA ILE A 352 21.28 -20.18 7.73
C ILE A 352 20.57 -21.41 7.17
N LYS A 353 21.12 -21.99 6.11
CA LYS A 353 20.49 -23.16 5.48
C LYS A 353 20.43 -24.34 6.44
N GLU A 354 21.53 -24.64 7.15
CA GLU A 354 21.46 -25.69 8.16
C GLU A 354 20.61 -25.24 9.34
N ALA A 355 20.67 -23.96 9.70
CA ALA A 355 19.73 -23.43 10.67
C ALA A 355 18.30 -23.44 10.12
N LYS A 356 18.13 -23.38 8.79
CA LYS A 356 16.81 -23.53 8.22
C LYS A 356 16.42 -24.99 8.06
N GLN A 357 17.40 -25.89 7.89
CA GLN A 357 17.11 -27.31 8.04
C GLN A 357 16.79 -27.65 9.48
N ARG A 358 17.35 -26.92 10.45
CA ARG A 358 16.82 -26.94 11.80
C ARG A 358 15.45 -26.29 11.88
N ALA A 359 15.20 -25.27 11.04
CA ALA A 359 13.85 -24.74 10.90
C ALA A 359 12.95 -25.64 10.07
N LEU A 360 13.47 -26.76 9.59
CA LEU A 360 12.59 -27.82 9.12
C LEU A 360 11.91 -28.49 10.32
N LYS A 361 12.37 -28.18 11.54
CA LYS A 361 11.60 -28.39 12.76
C LYS A 361 11.09 -27.10 13.37
N GLU A 362 11.99 -26.17 13.74
CA GLU A 362 11.60 -25.09 14.64
C GLU A 362 10.76 -24.00 13.97
N PRO A 363 11.28 -23.14 13.02
CA PRO A 363 10.35 -22.49 12.08
C PRO A 363 9.99 -23.33 10.86
N LYS A 364 9.56 -24.58 11.07
CA LYS A 364 8.69 -25.25 10.12
C LYS A 364 7.23 -24.89 10.34
N GLU A 365 6.91 -24.42 11.54
CA GLU A 365 5.56 -24.09 11.96
C GLU A 365 5.54 -22.69 12.55
N LEU A 366 4.48 -21.93 12.25
CA LEU A 366 4.35 -20.59 12.75
C LEU A 366 3.88 -20.60 14.20
N ASN A 367 4.36 -19.65 14.98
CA ASN A 367 3.94 -19.51 16.37
C ASN A 367 2.72 -18.61 16.44
N PHE A 368 1.54 -19.23 16.36
CA PHE A 368 0.28 -18.50 16.49
C PHE A 368 -0.06 -18.39 17.97
N VAL A 369 0.28 -17.26 18.59
CA VAL A 369 -0.04 -17.07 20.00
C VAL A 369 -1.45 -16.48 20.09
N PHE A 370 -2.46 -17.34 19.97
CA PHE A 370 -3.84 -16.87 20.09
C PHE A 370 -4.12 -16.48 21.53
N GLY A 371 -4.95 -15.45 21.71
CA GLY A 371 -5.36 -15.03 23.03
C GLY A 371 -6.52 -14.06 22.94
N VAL A 372 -7.41 -14.06 23.93
CA VAL A 372 -8.63 -13.27 23.87
C VAL A 372 -8.41 -11.96 24.62
N ASN A 373 -8.57 -10.83 23.94
CA ASN A 373 -8.31 -9.52 24.52
C ASN A 373 -9.52 -9.13 25.37
N ILE A 374 -9.39 -9.33 26.68
CA ILE A 374 -10.47 -9.00 27.60
C ILE A 374 -10.40 -7.55 28.04
N GLU A 375 -9.22 -6.93 27.97
CA GLU A 375 -9.12 -5.50 28.24
C GLU A 375 -9.92 -4.70 27.23
N HIS A 376 -9.89 -5.12 25.97
CA HIS A 376 -10.68 -4.49 24.90
C HIS A 376 -11.18 -5.59 23.97
N ARG A 377 -12.49 -5.83 23.96
CA ARG A 377 -13.04 -6.89 23.11
C ARG A 377 -13.00 -6.50 21.63
N ASP A 378 -13.25 -5.23 21.31
CA ASP A 378 -13.37 -4.82 19.92
C ASP A 378 -12.02 -4.61 19.25
N LEU A 379 -10.94 -4.58 20.02
CA LEU A 379 -9.61 -4.42 19.45
C LEU A 379 -9.04 -5.81 19.15
N ASP A 380 -9.75 -6.51 18.27
CA ASP A 380 -9.53 -7.92 18.00
C ASP A 380 -9.28 -8.12 16.51
N GLY A 381 -8.84 -9.33 16.18
CA GLY A 381 -8.36 -9.65 14.86
C GLY A 381 -6.90 -10.03 14.93
N MET A 382 -6.42 -10.82 13.99
CA MET A 382 -5.06 -11.33 14.08
C MET A 382 -4.06 -10.20 13.93
N PHE A 383 -3.39 -9.87 15.04
CA PHE A 383 -2.26 -8.95 15.03
C PHE A 383 -1.05 -9.65 14.42
N ILE A 384 -1.00 -9.65 13.08
CA ILE A 384 0.07 -10.35 12.39
C ILE A 384 1.36 -9.57 12.57
N TYR A 385 2.34 -10.20 13.21
CA TYR A 385 3.67 -9.63 13.38
C TYR A 385 4.63 -10.33 12.44
N ASN A 386 5.03 -9.64 11.38
CA ASN A 386 6.00 -10.18 10.44
C ASN A 386 7.37 -9.95 11.05
N CYS A 387 7.83 -10.92 11.84
CA CYS A 387 9.08 -10.79 12.58
C CYS A 387 9.03 -9.58 13.51
N SER A 388 7.99 -9.55 14.35
CA SER A 388 7.85 -8.62 15.47
C SER A 388 7.46 -7.20 15.08
N ARG A 389 6.75 -7.01 13.96
CA ARG A 389 6.18 -5.71 13.61
C ARG A 389 4.73 -5.92 13.20
N LEU A 390 3.81 -5.25 13.89
CA LEU A 390 2.40 -5.33 13.56
C LEU A 390 2.15 -4.84 12.14
N ILE A 391 1.90 -5.78 11.23
CA ILE A 391 1.57 -5.44 9.85
C ILE A 391 0.06 -5.35 9.75
N LYS A 392 -0.61 -6.47 9.96
CA LYS A 392 -2.07 -6.53 9.97
C LYS A 392 -2.53 -6.34 11.39
N MET A 393 -3.13 -5.18 11.68
CA MET A 393 -3.89 -5.01 12.90
C MET A 393 -5.36 -5.21 12.61
N TYR A 394 -6.01 -5.96 13.48
CA TYR A 394 -7.46 -6.15 13.42
C TYR A 394 -7.89 -6.88 12.15
N GLU A 395 -7.01 -7.71 11.61
CA GLU A 395 -7.34 -8.49 10.42
C GLU A 395 -8.19 -9.67 10.85
N LYS A 396 -9.45 -9.68 10.41
CA LYS A 396 -10.36 -10.76 10.75
C LYS A 396 -10.07 -11.97 9.87
N VAL A 397 -9.92 -13.14 10.48
CA VAL A 397 -9.68 -14.38 9.75
C VAL A 397 -10.60 -15.46 10.31
N GLY A 398 -10.76 -16.52 9.54
CA GLY A 398 -11.48 -17.68 9.99
C GLY A 398 -12.92 -17.35 10.34
N PRO A 399 -13.39 -17.75 11.52
CA PRO A 399 -14.75 -17.34 11.93
C PRO A 399 -14.92 -15.84 12.08
N GLN A 400 -13.83 -15.07 12.24
CA GLN A 400 -13.96 -13.63 12.41
C GLN A 400 -14.42 -12.95 11.12
N LEU A 401 -14.06 -13.50 9.96
CA LEU A 401 -14.45 -12.88 8.69
C LEU A 401 -15.97 -12.81 8.54
N GLU A 402 -16.67 -13.89 8.92
CA GLU A 402 -18.13 -13.86 8.91
C GLU A 402 -18.62 -13.26 10.22
N GLY A 403 -19.64 -12.41 10.12
CA GLY A 403 -20.08 -11.66 11.28
C GLY A 403 -20.66 -12.56 12.36
N GLY A 404 -20.40 -12.20 13.61
CA GLY A 404 -20.88 -12.95 14.75
C GLY A 404 -19.88 -12.98 15.87
N MET A 405 -20.24 -13.62 16.98
CA MET A 405 -19.34 -13.77 18.13
C MET A 405 -18.27 -14.83 17.90
N ALA A 406 -18.33 -15.58 16.79
CA ALA A 406 -17.36 -16.63 16.55
C ALA A 406 -15.96 -16.05 16.42
N CYS A 407 -15.12 -16.33 17.42
CA CYS A 407 -13.75 -15.83 17.50
C CYS A 407 -13.69 -14.31 17.58
N GLY A 408 -14.78 -13.68 17.99
CA GLY A 408 -14.74 -12.28 18.32
C GLY A 408 -13.92 -12.07 19.57
N GLY A 409 -12.92 -11.19 19.51
CA GLY A 409 -12.04 -10.90 20.62
C GLY A 409 -10.66 -11.51 20.50
N VAL A 410 -10.50 -12.56 19.69
CA VAL A 410 -9.26 -13.31 19.72
C VAL A 410 -8.17 -12.56 18.97
N VAL A 411 -7.07 -12.28 19.66
CA VAL A 411 -5.90 -11.63 19.10
C VAL A 411 -4.88 -12.70 18.71
N GLY A 412 -4.22 -12.51 17.57
CA GLY A 412 -3.43 -13.58 16.97
C GLY A 412 -1.97 -13.61 17.36
N VAL A 413 -1.29 -12.47 17.27
CA VAL A 413 0.09 -12.32 17.72
C VAL A 413 1.01 -13.37 17.10
N VAL A 414 0.96 -13.52 15.79
CA VAL A 414 1.84 -14.46 15.10
C VAL A 414 3.14 -13.74 14.75
N ASP A 415 4.26 -14.35 15.15
CA ASP A 415 5.59 -13.88 14.75
C ASP A 415 5.98 -14.54 13.44
N VAL A 416 5.36 -14.06 12.36
CA VAL A 416 5.67 -14.57 11.02
C VAL A 416 7.09 -14.13 10.68
N PRO A 417 8.01 -15.03 10.28
CA PRO A 417 9.31 -14.55 9.82
C PRO A 417 9.21 -13.98 8.41
N TYR A 418 10.26 -13.31 7.92
CA TYR A 418 10.25 -12.83 6.55
C TYR A 418 10.46 -13.96 5.53
N LEU A 419 10.62 -15.20 5.99
CA LEU A 419 10.68 -16.36 5.11
C LEU A 419 9.30 -16.89 4.73
N VAL A 420 8.39 -16.98 5.69
CA VAL A 420 7.02 -17.40 5.38
C VAL A 420 6.37 -16.37 4.46
N LEU A 421 6.38 -15.11 4.87
CA LEU A 421 5.66 -14.05 4.19
C LEU A 421 6.35 -12.74 4.47
N GLU A 422 6.08 -11.76 3.62
CA GLU A 422 6.65 -10.44 3.71
C GLU A 422 5.54 -9.41 3.70
N PRO A 423 5.76 -8.22 4.27
CA PRO A 423 4.68 -7.24 4.37
C PRO A 423 4.47 -6.52 3.05
N THR A 424 3.57 -5.55 2.99
CA THR A 424 3.44 -4.72 1.79
C THR A 424 4.37 -3.51 1.88
N HIS A 425 4.36 -2.72 0.81
CA HIS A 425 5.12 -1.48 0.74
C HIS A 425 4.80 -0.57 1.93
N ASN A 426 3.53 -0.54 2.34
CA ASN A 426 3.11 0.26 3.49
C ASN A 426 3.29 -0.45 4.82
N LYS A 427 3.58 -1.75 4.82
CA LYS A 427 3.67 -2.55 6.04
C LYS A 427 2.38 -2.52 6.84
N GLN A 428 1.25 -2.39 6.14
CA GLN A 428 -0.07 -2.58 6.72
C GLN A 428 -0.86 -3.67 6.02
N ASP A 429 -0.31 -4.27 4.97
CA ASP A 429 -0.84 -5.48 4.36
C ASP A 429 0.34 -6.39 4.07
N PHE A 430 0.11 -7.49 3.36
CA PHE A 430 1.12 -8.49 3.06
C PHE A 430 1.33 -8.62 1.56
N ALA A 431 2.59 -8.64 1.13
CA ALA A 431 2.95 -8.61 -0.29
C ALA A 431 2.41 -9.79 -1.06
N ASP A 432 2.87 -10.99 -0.74
CA ASP A 432 2.42 -12.18 -1.43
C ASP A 432 1.00 -12.46 -0.99
N ALA A 433 0.02 -11.88 -1.70
CA ALA A 433 -1.37 -12.03 -1.30
C ALA A 433 -1.81 -13.48 -1.34
N LYS A 434 -1.25 -14.28 -2.25
CA LYS A 434 -1.56 -15.70 -2.29
C LYS A 434 -1.18 -16.39 -0.98
N GLU A 435 0.13 -16.37 -0.66
CA GLU A 435 0.59 -16.99 0.57
C GLU A 435 -0.03 -16.35 1.80
N TYR A 436 -0.39 -15.07 1.71
CA TYR A 436 -0.97 -14.35 2.84
C TYR A 436 -2.40 -14.78 3.10
N ARG A 437 -3.19 -14.92 2.04
CA ARG A 437 -4.53 -15.48 2.20
C ARG A 437 -4.44 -16.91 2.69
N HIS A 438 -3.43 -17.66 2.25
CA HIS A 438 -3.24 -19.01 2.77
C HIS A 438 -2.91 -19.00 4.25
N LEU A 439 -2.04 -18.08 4.70
CA LEU A 439 -1.73 -17.97 6.12
C LEU A 439 -2.95 -17.53 6.93
N LEU A 440 -3.74 -16.60 6.40
CA LEU A 440 -4.96 -16.21 7.10
C LEU A 440 -5.94 -17.37 7.19
N ARG A 441 -6.02 -18.19 6.14
CA ARG A 441 -6.87 -19.38 6.19
C ARG A 441 -6.36 -20.38 7.24
N ALA A 442 -5.05 -20.59 7.26
CA ALA A 442 -4.46 -21.49 8.25
C ALA A 442 -4.72 -21.00 9.67
N MET A 443 -4.53 -19.69 9.88
CA MET A 443 -4.91 -19.13 11.16
C MET A 443 -6.40 -19.24 11.39
N GLY A 444 -7.21 -19.29 10.34
CA GLY A 444 -8.63 -19.52 10.55
C GLY A 444 -8.91 -20.89 11.13
N GLU A 445 -8.30 -21.92 10.55
CA GLU A 445 -8.41 -23.26 11.13
C GLU A 445 -7.92 -23.30 12.57
N HIS A 446 -6.72 -22.81 12.84
CA HIS A 446 -6.20 -22.91 14.20
C HIS A 446 -6.77 -21.85 15.14
N LEU A 447 -7.43 -20.83 14.64
CA LEU A 447 -8.18 -19.90 15.47
C LEU A 447 -9.48 -20.56 15.93
N ALA A 448 -10.14 -21.29 15.03
CA ALA A 448 -11.24 -22.14 15.46
C ALA A 448 -10.76 -23.19 16.44
N GLN A 449 -9.56 -23.74 16.22
CA GLN A 449 -9.00 -24.71 17.17
C GLN A 449 -8.81 -24.09 18.54
N TYR A 450 -8.20 -22.91 18.60
CA TYR A 450 -8.04 -22.20 19.86
C TYR A 450 -9.40 -21.91 20.48
N TRP A 451 -10.37 -21.55 19.65
CA TRP A 451 -11.70 -21.21 20.13
C TRP A 451 -12.37 -22.38 20.82
N LYS A 452 -12.34 -23.57 20.20
CA LYS A 452 -12.95 -24.74 20.83
C LYS A 452 -12.03 -25.44 21.82
N ASP A 453 -10.76 -25.07 21.90
CA ASP A 453 -9.86 -25.60 22.92
C ASP A 453 -10.06 -24.87 24.24
N ILE A 454 -10.06 -23.54 24.22
CA ILE A 454 -10.46 -22.79 25.40
C ILE A 454 -11.95 -22.98 25.68
N ALA A 455 -12.76 -23.14 24.63
CA ALA A 455 -14.16 -23.53 24.75
C ALA A 455 -15.00 -22.49 25.48
N ILE A 456 -14.61 -21.21 25.41
CA ILE A 456 -15.41 -20.18 26.09
C ILE A 456 -16.77 -20.08 25.42
N ALA A 457 -16.82 -20.22 24.10
CA ALA A 457 -18.10 -20.21 23.41
C ALA A 457 -18.98 -21.37 23.84
N GLN A 458 -18.38 -22.54 24.08
CA GLN A 458 -19.13 -23.65 24.65
C GLN A 458 -19.65 -23.29 26.04
N ARG A 459 -18.81 -22.66 26.85
CA ARG A 459 -19.25 -22.18 28.15
C ARG A 459 -20.14 -20.95 28.04
N GLY A 460 -20.20 -20.32 26.88
CA GLY A 460 -20.96 -19.10 26.67
C GLY A 460 -20.05 -17.92 26.44
N ILE A 461 -19.91 -17.51 25.17
CA ILE A 461 -19.02 -16.38 24.86
C ILE A 461 -19.55 -15.09 25.48
N ILE A 462 -20.88 -14.91 25.45
CA ILE A 462 -21.48 -13.73 26.05
C ILE A 462 -21.24 -13.72 27.55
N LYS A 463 -21.35 -14.89 28.18
CA LYS A 463 -21.09 -14.97 29.62
C LYS A 463 -19.62 -14.69 29.92
N PHE A 464 -18.73 -15.18 29.07
CA PHE A 464 -17.31 -14.89 29.21
C PHE A 464 -17.07 -13.39 29.18
N TRP A 465 -17.67 -12.70 28.21
CA TRP A 465 -17.49 -11.26 28.10
C TRP A 465 -18.13 -10.52 29.28
N ASP A 466 -19.29 -10.99 29.75
CA ASP A 466 -19.90 -10.42 30.94
C ASP A 466 -18.98 -10.56 32.14
N GLU A 467 -18.20 -11.65 32.18
CA GLU A 467 -17.23 -11.85 33.25
C GLU A 467 -16.11 -10.81 33.22
N PHE A 468 -15.96 -10.07 32.11
CA PHE A 468 -14.89 -9.10 31.91
C PHE A 468 -15.42 -7.71 31.58
N GLY A 469 -16.47 -7.29 32.26
CA GLY A 469 -16.96 -5.92 32.20
C GLY A 469 -17.97 -5.60 31.11
N TYR A 470 -17.91 -6.31 29.99
CA TYR A 470 -18.76 -6.01 28.84
C TYR A 470 -20.16 -6.56 29.09
N LEU A 471 -21.10 -5.67 29.41
CA LEU A 471 -22.50 -6.01 29.64
C LEU A 471 -23.40 -5.07 28.86
N SER A 472 -23.08 -4.88 27.59
CA SER A 472 -23.83 -4.01 26.69
C SER A 472 -24.01 -4.71 25.36
N ALA A 473 -24.74 -4.06 24.46
CA ALA A 473 -25.06 -4.63 23.15
C ALA A 473 -23.95 -4.35 22.13
N ASN A 474 -23.51 -3.10 22.05
CA ASN A 474 -22.52 -2.72 21.06
C ASN A 474 -21.19 -3.40 21.33
N TRP A 475 -20.60 -3.99 20.28
CA TRP A 475 -19.34 -4.70 20.43
C TRP A 475 -18.19 -3.74 20.73
N ASN A 476 -18.30 -2.49 20.27
CA ASN A 476 -17.26 -1.49 20.51
C ASN A 476 -17.37 -0.84 21.89
N GLN A 477 -18.36 -1.19 22.69
CA GLN A 477 -18.49 -0.64 24.03
C GLN A 477 -17.29 -1.08 24.87
N PRO A 478 -16.50 -0.18 25.45
CA PRO A 478 -15.39 -0.62 26.32
C PRO A 478 -15.92 -1.31 27.56
N PRO A 479 -15.06 -2.03 28.28
CA PRO A 479 -15.54 -2.75 29.48
C PRO A 479 -15.95 -1.78 30.57
N SER A 480 -16.89 -2.21 31.41
CA SER A 480 -17.29 -1.43 32.56
C SER A 480 -16.11 -1.21 33.50
N SER A 481 -16.03 0.01 34.05
CA SER A 481 -14.99 0.30 35.04
C SER A 481 -15.30 -0.28 36.42
N GLU A 482 -16.41 -1.01 36.55
CA GLU A 482 -16.81 -1.72 37.76
C GLU A 482 -15.66 -2.48 38.40
N LEU A 483 -15.53 -2.37 39.72
CA LEU A 483 -14.36 -2.85 40.45
C LEU A 483 -14.14 -4.35 40.31
N ARG A 484 -15.20 -5.13 40.48
CA ARG A 484 -15.09 -6.59 40.39
C ARG A 484 -14.58 -7.01 39.01
N TYR A 485 -15.12 -6.40 37.95
CA TYR A 485 -14.67 -6.76 36.61
C TYR A 485 -13.25 -6.27 36.35
N LYS A 486 -12.87 -5.12 36.91
CA LYS A 486 -11.49 -4.65 36.78
C LYS A 486 -10.54 -5.63 37.42
N ARG A 487 -10.84 -6.08 38.64
CA ARG A 487 -10.00 -7.07 39.31
C ARG A 487 -9.95 -8.37 38.52
N ARG A 488 -11.09 -8.82 38.01
CA ARG A 488 -11.14 -10.11 37.33
C ARG A 488 -10.28 -10.04 36.06
N ARG A 489 -10.40 -8.94 35.30
CA ARG A 489 -9.54 -8.74 34.13
C ARG A 489 -8.07 -8.68 34.52
N ALA A 490 -7.75 -7.99 35.63
CA ALA A 490 -6.36 -7.91 36.05
C ALA A 490 -5.81 -9.27 36.44
N MET A 491 -6.66 -10.17 36.93
CA MET A 491 -6.19 -11.48 37.37
C MET A 491 -5.84 -12.36 36.17
N GLU A 492 -6.81 -12.58 35.27
CA GLU A 492 -6.61 -13.47 34.14
C GLU A 492 -5.49 -12.98 33.24
N ILE A 493 -5.43 -11.67 33.00
CA ILE A 493 -4.28 -11.09 32.32
C ILE A 493 -3.08 -11.29 33.25
N PRO A 494 -2.00 -11.97 32.82
CA PRO A 494 -0.80 -11.97 33.67
C PRO A 494 -0.22 -10.57 33.71
N THR A 495 -0.31 -9.92 34.86
CA THR A 495 0.00 -8.50 34.94
C THR A 495 1.48 -8.29 34.69
N THR A 496 1.82 -7.97 33.46
CA THR A 496 3.20 -7.90 32.99
C THR A 496 3.60 -6.45 32.81
N ILE A 497 4.87 -6.17 33.08
CA ILE A 497 5.35 -4.79 33.14
C ILE A 497 6.85 -4.76 32.93
N GLN A 498 7.31 -3.90 32.03
CA GLN A 498 8.73 -3.81 31.73
C GLN A 498 9.42 -2.97 32.80
N CYS A 499 10.75 -3.09 32.85
CA CYS A 499 11.57 -2.30 33.76
C CYS A 499 12.04 -1.04 33.05
N ASP A 500 12.89 -0.25 33.71
CA ASP A 500 13.40 0.99 33.14
C ASP A 500 14.91 0.98 32.96
N LEU A 501 15.62 -0.01 33.54
CA LEU A 501 17.07 -0.14 33.39
C LEU A 501 17.45 -1.38 32.58
N CYS A 502 16.99 -2.56 32.99
CA CYS A 502 17.26 -3.81 32.29
C CYS A 502 16.14 -4.20 31.33
N LEU A 503 14.95 -3.60 31.45
CA LEU A 503 13.81 -3.85 30.58
C LEU A 503 13.31 -5.29 30.66
N LYS A 504 13.61 -6.00 31.75
CA LYS A 504 13.22 -7.38 31.86
C LYS A 504 11.74 -7.47 32.23
N TRP A 505 10.98 -8.16 31.39
CA TRP A 505 9.55 -8.30 31.63
C TRP A 505 9.27 -9.28 32.75
N ARG A 506 8.59 -8.81 33.79
CA ARG A 506 8.24 -9.61 34.96
C ARG A 506 6.73 -9.82 35.00
N THR A 507 6.27 -10.49 36.06
CA THR A 507 4.88 -10.95 36.18
C THR A 507 4.28 -10.55 37.52
N LEU A 508 4.28 -9.25 37.81
CA LEU A 508 4.00 -8.65 39.11
C LEU A 508 2.73 -9.18 39.78
N PRO A 509 2.68 -9.33 41.11
CA PRO A 509 1.38 -9.56 41.76
C PRO A 509 0.47 -8.34 41.74
N PHE A 510 1.01 -7.15 41.50
CA PHE A 510 0.24 -5.91 41.45
C PHE A 510 0.50 -5.16 40.15
N GLN A 511 0.04 -3.92 40.08
CA GLN A 511 0.35 -3.04 38.96
C GLN A 511 0.51 -1.63 39.49
N LEU A 512 1.58 -0.95 39.06
CA LEU A 512 1.60 0.50 39.20
C LEU A 512 1.65 1.15 37.82
N SER A 513 2.80 1.06 37.13
CA SER A 513 2.99 1.42 35.72
C SER A 513 4.49 1.28 35.46
N SER A 514 4.84 1.24 34.18
CA SER A 514 6.24 1.29 33.77
C SER A 514 7.03 0.07 34.23
N TYR A 519 -1.90 7.08 33.10
CA TYR A 519 -0.44 7.06 33.26
C TYR A 519 -0.03 6.99 34.73
N PRO A 520 -0.32 5.85 35.39
CA PRO A 520 0.00 5.72 36.83
C PRO A 520 1.50 5.64 37.12
N ASP A 521 1.84 5.38 38.39
CA ASP A 521 3.20 5.54 38.90
C ASP A 521 4.18 4.55 38.26
N THR A 522 5.45 4.97 38.21
CA THR A 522 6.50 4.19 37.57
C THR A 522 6.87 2.97 38.41
N TRP A 523 7.81 2.17 37.89
CA TRP A 523 8.21 0.93 38.55
C TRP A 523 9.56 0.47 38.00
N VAL A 524 10.31 -0.27 38.84
CA VAL A 524 11.52 -0.97 38.45
C VAL A 524 11.60 -2.32 39.16
N CYS A 525 12.50 -3.16 38.65
CA CYS A 525 12.70 -4.50 39.19
C CYS A 525 13.08 -4.45 40.66
N SER A 526 13.87 -3.45 41.05
CA SER A 526 14.32 -3.36 42.44
C SER A 526 13.15 -3.20 43.40
N MET A 527 12.14 -2.42 43.01
CA MET A 527 10.96 -2.28 43.86
C MET A 527 9.95 -3.40 43.64
N ASN A 528 10.17 -4.26 42.62
CA ASN A 528 9.34 -5.45 42.45
C ASN A 528 9.19 -6.24 43.77
N PRO A 529 7.97 -6.35 44.35
CA PRO A 529 7.83 -7.18 45.55
C PRO A 529 7.66 -8.65 45.21
N ASP A 530 8.77 -9.35 44.97
CA ASP A 530 8.71 -10.76 44.61
C ASP A 530 10.03 -11.42 45.03
N PRO A 531 10.02 -12.62 45.60
CA PRO A 531 11.28 -13.13 46.21
C PRO A 531 12.40 -13.36 45.21
N GLU A 532 12.12 -13.91 44.03
CA GLU A 532 13.17 -14.19 43.04
C GLU A 532 13.19 -13.14 41.94
N GLN A 533 12.02 -12.69 41.49
CA GLN A 533 11.95 -11.66 40.45
C GLN A 533 12.03 -10.27 41.06
N ASP A 534 13.15 -9.94 41.70
CA ASP A 534 13.39 -8.61 42.24
C ASP A 534 14.73 -8.05 41.79
N ARG A 535 15.73 -8.92 41.69
CA ARG A 535 17.05 -8.48 41.24
C ARG A 535 16.99 -8.04 39.80
N CYS A 536 17.77 -7.01 39.46
CA CYS A 536 17.83 -6.54 38.08
C CYS A 536 18.40 -7.61 37.16
N GLU A 537 19.37 -8.38 37.64
CA GLU A 537 20.00 -9.42 36.84
C GLU A 537 19.25 -10.75 36.89
N ALA A 538 18.16 -10.85 37.64
CA ALA A 538 17.36 -12.06 37.69
C ALA A 538 16.86 -12.42 36.29
N SER A 539 16.87 -13.72 35.99
CA SER A 539 16.55 -14.19 34.65
C SER A 539 15.12 -13.85 34.26
N GLU A 540 14.88 -13.65 32.96
CA GLU A 540 13.55 -13.35 32.49
C GLU A 540 12.62 -14.53 32.73
N GLN A 541 11.33 -14.21 32.92
CA GLN A 541 10.29 -15.21 33.11
C GLN A 541 9.33 -15.13 31.93
N LYS A 542 9.89 -15.13 30.72
CA LYS A 542 9.14 -15.08 29.47
C LYS A 542 7.98 -16.06 29.50
N GLN A 543 6.81 -15.60 29.07
CA GLN A 543 5.54 -16.27 29.30
C GLN A 543 5.54 -17.73 28.84
N LYS A 544 5.20 -18.63 29.74
CA LYS A 544 4.89 -19.99 29.33
C LYS A 544 3.60 -20.00 28.54
N VAL A 545 3.61 -20.72 27.43
CA VAL A 545 2.49 -20.73 26.48
C VAL A 545 1.85 -22.11 26.48
N PRO A 546 0.64 -22.30 27.05
CA PRO A 546 0.03 -23.63 26.99
C PRO A 546 -0.33 -24.02 25.56
N LEU A 547 0.40 -24.98 25.00
CA LEU A 547 0.30 -25.30 23.59
C LEU A 547 -0.89 -26.22 23.33
N GLY A 548 -1.68 -25.88 22.31
CA GLY A 548 -2.76 -26.74 21.87
C GLY A 548 -2.38 -27.59 20.68
N THR A 549 -3.25 -28.55 20.37
CA THR A 549 -3.03 -29.52 19.30
C THR A 549 -4.26 -29.58 18.40
N PHE A 550 -4.02 -29.67 17.10
CA PHE A 550 -5.09 -29.73 16.12
C PHE A 550 -5.62 -31.16 16.00
N ARG A 551 -6.74 -31.30 15.29
CA ARG A 551 -7.38 -32.59 15.05
C ARG A 551 -7.86 -33.18 16.37
N MET B 1 17.26 19.24 -8.75
CA MET B 1 17.67 20.58 -9.17
C MET B 1 19.04 20.92 -8.58
N ALA B 2 19.53 22.13 -8.89
CA ALA B 2 20.83 22.59 -8.40
C ALA B 2 20.71 23.78 -7.46
N PHE B 3 20.11 24.88 -7.93
CA PHE B 3 20.11 26.19 -7.28
C PHE B 3 21.49 26.50 -6.67
N THR B 4 21.78 25.90 -5.52
CA THR B 4 23.12 25.98 -4.89
C THR B 4 23.86 24.66 -5.02
N ASN B 5 23.71 24.00 -6.17
CA ASN B 5 24.37 22.73 -6.46
C ASN B 5 23.99 21.65 -5.46
N TYR B 6 22.71 21.25 -5.50
CA TYR B 6 22.28 20.07 -4.78
C TYR B 6 22.73 18.77 -5.44
N SER B 7 23.45 18.84 -6.56
CA SER B 7 24.01 17.65 -7.19
C SER B 7 24.93 16.90 -6.24
N SER B 8 25.76 17.64 -5.50
CA SER B 8 26.62 17.01 -4.50
C SER B 8 25.79 16.33 -3.43
N LEU B 9 24.67 16.95 -3.06
CA LEU B 9 23.87 16.49 -1.93
C LEU B 9 23.30 15.10 -2.18
N ASN B 10 23.18 14.33 -1.10
CA ASN B 10 22.71 12.96 -1.20
C ASN B 10 21.28 12.90 -1.73
N ARG B 11 21.14 12.39 -2.95
CA ARG B 11 19.84 12.11 -3.52
C ARG B 11 19.38 10.74 -3.06
N ALA B 12 18.10 10.64 -2.72
CA ALA B 12 17.53 9.33 -2.42
C ALA B 12 17.51 8.49 -3.70
N GLN B 13 17.90 7.22 -3.58
CA GLN B 13 18.10 6.34 -4.71
C GLN B 13 17.32 5.05 -4.51
N LEU B 14 16.89 4.46 -5.62
CA LEU B 14 16.19 3.19 -5.63
C LEU B 14 17.20 2.05 -5.77
N THR B 15 16.82 0.87 -5.30
CA THR B 15 17.65 -0.32 -5.40
C THR B 15 16.81 -1.52 -5.87
N PHE B 16 17.53 -2.57 -6.27
CA PHE B 16 16.87 -3.82 -6.63
C PHE B 16 15.93 -4.29 -5.53
N GLU B 17 16.34 -4.14 -4.28
CA GLU B 17 15.46 -4.51 -3.20
C GLU B 17 14.25 -3.61 -3.18
N TYR B 18 14.41 -2.37 -3.66
CA TYR B 18 13.24 -1.52 -3.79
C TYR B 18 12.33 -1.98 -4.91
N LEU B 19 12.85 -2.65 -5.93
CA LEU B 19 11.95 -3.18 -6.94
C LEU B 19 10.97 -4.16 -6.31
N HIS B 20 11.50 -5.05 -5.47
CA HIS B 20 10.62 -5.93 -4.70
C HIS B 20 9.68 -5.13 -3.80
N THR B 21 10.23 -4.16 -3.06
CA THR B 21 9.40 -3.39 -2.12
C THR B 21 8.29 -2.64 -2.84
N ASN B 22 8.61 -2.02 -3.97
CA ASN B 22 7.61 -1.37 -4.80
C ASN B 22 6.54 -2.35 -5.25
N SER B 23 6.95 -3.52 -5.76
CA SER B 23 5.97 -4.51 -6.16
C SER B 23 5.12 -4.96 -4.99
N THR B 24 5.66 -4.90 -3.78
CA THR B 24 4.91 -5.31 -2.61
C THR B 24 3.74 -4.39 -2.32
N THR B 25 3.74 -3.17 -2.87
CA THR B 25 2.55 -2.33 -2.73
C THR B 25 1.36 -2.99 -3.43
N HIS B 26 1.63 -3.71 -4.50
CA HIS B 26 0.64 -4.54 -5.17
C HIS B 26 0.55 -5.90 -4.51
N GLU B 27 -0.19 -5.98 -3.41
CA GLU B 27 -0.66 -7.28 -2.96
C GLU B 27 -1.69 -7.78 -3.97
N PHE B 28 -2.30 -6.87 -4.72
CA PHE B 28 -3.34 -7.21 -5.70
C PHE B 28 -2.69 -7.31 -7.08
N LEU B 29 -2.64 -8.54 -7.60
CA LEU B 29 -1.86 -8.82 -8.80
C LEU B 29 -2.55 -8.28 -10.05
N PHE B 30 -3.88 -8.40 -10.13
CA PHE B 30 -4.55 -7.80 -11.27
C PHE B 30 -4.59 -6.27 -11.14
N GLY B 31 -4.40 -5.74 -9.93
CA GLY B 31 -4.10 -4.33 -9.81
C GLY B 31 -2.78 -3.99 -10.46
N ALA B 32 -1.78 -4.85 -10.27
CA ALA B 32 -0.51 -4.67 -10.95
C ALA B 32 -0.69 -4.69 -12.47
N LEU B 33 -1.53 -5.59 -12.98
CA LEU B 33 -1.85 -5.62 -14.41
C LEU B 33 -2.57 -4.34 -14.84
N ALA B 34 -3.53 -3.90 -14.03
CA ALA B 34 -4.32 -2.73 -14.35
C ALA B 34 -3.46 -1.49 -14.45
N GLU B 35 -2.35 -1.43 -13.72
CA GLU B 35 -1.47 -0.27 -13.85
C GLU B 35 -0.93 -0.14 -15.28
N LEU B 36 -0.43 -1.24 -15.85
CA LEU B 36 0.04 -1.21 -17.23
C LEU B 36 -1.07 -0.84 -18.20
N VAL B 37 -2.26 -1.42 -18.03
CA VAL B 37 -3.30 -1.09 -19.00
C VAL B 37 -3.82 0.34 -18.79
N ASP B 38 -3.69 0.87 -17.57
CA ASP B 38 -3.98 2.30 -17.37
C ASP B 38 -3.02 3.16 -18.15
N ASN B 39 -1.74 2.80 -18.14
CA ASN B 39 -0.79 3.58 -18.92
C ASN B 39 -1.11 3.47 -20.40
N ALA B 40 -1.60 2.30 -20.83
CA ALA B 40 -2.04 2.14 -22.21
C ALA B 40 -3.20 3.10 -22.52
N ARG B 41 -4.16 3.22 -21.60
CA ARG B 41 -5.24 4.19 -21.80
C ARG B 41 -4.70 5.61 -21.83
N ASP B 42 -3.72 5.90 -20.98
CA ASP B 42 -3.05 7.21 -21.03
C ASP B 42 -2.39 7.46 -22.38
N ALA B 43 -2.09 6.39 -23.12
CA ALA B 43 -1.68 6.51 -24.51
C ALA B 43 -2.84 6.83 -25.46
N ASP B 44 -4.06 7.03 -24.95
CA ASP B 44 -5.25 7.21 -25.79
C ASP B 44 -5.50 5.97 -26.65
N ALA B 45 -5.51 4.80 -26.01
CA ALA B 45 -5.52 3.56 -26.76
C ALA B 45 -6.91 3.20 -27.23
N THR B 46 -6.99 2.84 -28.51
CA THR B 46 -8.19 2.23 -29.07
C THR B 46 -8.35 0.78 -28.67
N ARG B 47 -7.30 -0.03 -28.85
CA ARG B 47 -7.28 -1.41 -28.43
C ARG B 47 -6.10 -1.60 -27.48
N ILE B 48 -6.28 -2.45 -26.48
CA ILE B 48 -5.14 -3.07 -25.80
C ILE B 48 -5.34 -4.58 -25.85
N ASP B 49 -4.55 -5.25 -26.68
CA ASP B 49 -4.61 -6.71 -26.76
C ASP B 49 -3.64 -7.31 -25.77
N ILE B 50 -4.12 -8.27 -24.98
CA ILE B 50 -3.34 -8.83 -23.89
C ILE B 50 -3.26 -10.34 -24.09
N TYR B 51 -2.22 -10.77 -24.79
CA TYR B 51 -2.06 -12.17 -25.17
C TYR B 51 -0.96 -12.80 -24.33
N ALA B 52 -1.23 -14.02 -23.85
CA ALA B 52 -0.29 -14.78 -23.04
C ALA B 52 0.21 -15.95 -23.87
N GLU B 53 1.47 -15.89 -24.26
CA GLU B 53 2.07 -16.89 -25.14
C GLU B 53 2.42 -18.13 -24.30
N ARG B 54 3.23 -19.04 -24.87
CA ARG B 54 3.73 -20.22 -24.16
C ARG B 54 5.24 -20.29 -24.41
N ARG B 55 6.02 -20.03 -23.37
CA ARG B 55 7.48 -20.09 -23.41
C ARG B 55 7.94 -20.95 -22.23
N GLU B 56 8.26 -22.21 -22.52
CA GLU B 56 8.62 -23.14 -21.45
C GLU B 56 10.02 -22.88 -20.92
N ASP B 57 10.90 -22.29 -21.74
CA ASP B 57 12.28 -22.06 -21.32
C ASP B 57 12.39 -21.13 -20.13
N LEU B 58 11.40 -20.26 -19.92
CA LEU B 58 11.41 -19.28 -18.85
C LEU B 58 10.66 -19.79 -17.63
N ARG B 59 10.85 -19.10 -16.51
CA ARG B 59 10.14 -19.44 -15.29
C ARG B 59 8.67 -19.09 -15.44
N GLY B 60 7.80 -20.02 -15.05
CA GLY B 60 6.37 -19.88 -15.15
C GLY B 60 5.80 -20.46 -16.43
N GLY B 61 6.64 -20.71 -17.43
CA GLY B 61 6.20 -21.35 -18.64
C GLY B 61 5.46 -20.47 -19.61
N PHE B 62 5.32 -19.18 -19.32
CA PHE B 62 4.60 -18.28 -20.20
C PHE B 62 5.03 -16.85 -19.94
N MET B 63 4.69 -15.98 -20.89
CA MET B 63 4.95 -14.54 -20.81
C MET B 63 3.61 -13.82 -20.89
N LEU B 64 3.45 -12.78 -20.08
CA LEU B 64 2.22 -12.00 -20.03
C LEU B 64 2.41 -10.73 -20.85
N CYS B 65 1.79 -10.67 -22.03
CA CYS B 65 2.01 -9.61 -22.99
C CYS B 65 0.83 -8.64 -23.03
N PHE B 66 1.14 -7.35 -23.26
CA PHE B 66 0.15 -6.25 -23.23
C PHE B 66 0.27 -5.40 -24.50
N LEU B 67 -0.34 -5.87 -25.59
CA LEU B 67 -0.30 -5.15 -26.85
C LEU B 67 -1.38 -4.06 -26.87
N ASP B 68 -1.06 -2.91 -27.47
CA ASP B 68 -2.07 -1.88 -27.67
C ASP B 68 -1.75 -1.07 -28.92
N ASP B 69 -2.75 -0.28 -29.35
CA ASP B 69 -2.67 0.55 -30.55
C ASP B 69 -2.58 2.04 -30.21
N GLY B 70 -2.40 2.40 -28.95
CA GLY B 70 -2.45 3.79 -28.53
C GLY B 70 -1.30 4.61 -29.03
N ALA B 71 -1.09 5.75 -28.36
CA ALA B 71 -0.03 6.68 -28.71
C ALA B 71 1.32 6.25 -28.16
N GLY B 72 1.38 5.12 -27.46
CA GLY B 72 2.64 4.55 -27.01
C GLY B 72 3.55 5.50 -26.25
N MET B 73 4.83 5.46 -26.57
CA MET B 73 5.82 6.31 -25.94
C MET B 73 6.89 6.66 -26.97
N ASP B 74 7.63 7.72 -26.66
CA ASP B 74 8.83 8.12 -27.38
C ASP B 74 10.00 7.78 -26.47
N PRO B 75 11.26 7.97 -26.88
CA PRO B 75 12.36 7.76 -25.94
C PRO B 75 12.26 8.61 -24.67
N SER B 76 11.80 9.85 -24.79
CA SER B 76 11.70 10.70 -23.60
C SER B 76 10.60 10.19 -22.66
N ASP B 77 9.41 9.93 -23.21
CA ASP B 77 8.33 9.37 -22.39
C ASP B 77 8.67 7.98 -21.88
N ALA B 78 9.62 7.29 -22.52
CA ALA B 78 10.07 6.00 -22.03
C ALA B 78 11.00 6.15 -20.84
N ALA B 79 11.99 7.04 -20.95
CA ALA B 79 12.84 7.34 -19.81
C ALA B 79 12.02 7.88 -18.64
N SER B 80 10.90 8.53 -18.93
CA SER B 80 9.97 8.96 -17.89
C SER B 80 9.32 7.80 -17.15
N VAL B 81 9.33 6.58 -17.70
CA VAL B 81 8.73 5.44 -17.00
C VAL B 81 9.72 4.77 -16.06
N ILE B 82 10.89 5.37 -15.86
CA ILE B 82 11.80 4.98 -14.79
C ILE B 82 12.18 6.15 -13.92
N GLN B 83 11.82 7.38 -14.31
CA GLN B 83 11.81 8.50 -13.39
C GLN B 83 10.63 8.27 -12.47
N PHE B 84 10.89 7.53 -11.39
CA PHE B 84 9.87 7.21 -10.41
C PHE B 84 9.25 8.49 -9.87
N GLY B 85 7.92 8.54 -9.83
CA GLY B 85 7.17 9.71 -9.46
C GLY B 85 6.87 10.64 -10.63
N LYS B 86 7.69 10.63 -11.67
CA LYS B 86 7.46 11.49 -12.82
C LYS B 86 6.24 11.02 -13.59
N SER B 87 5.32 11.94 -13.84
CA SER B 87 4.10 11.63 -14.59
C SER B 87 3.70 12.92 -15.33
N ALA B 88 3.99 12.96 -16.63
CA ALA B 88 3.58 14.09 -17.45
C ALA B 88 2.06 14.16 -17.59
N LYS B 89 1.35 13.09 -17.21
CA LYS B 89 -0.11 13.11 -17.23
C LYS B 89 -0.68 14.11 -16.22
N ARG B 90 0.13 14.59 -15.28
CA ARG B 90 -0.35 15.61 -14.34
C ARG B 90 -0.71 16.90 -15.07
N THR B 91 -2.00 17.13 -15.24
CA THR B 91 -2.54 18.31 -15.89
C THR B 91 -3.85 18.68 -15.21
N PRO B 92 -4.30 19.93 -15.33
CA PRO B 92 -5.64 20.27 -14.83
C PRO B 92 -6.71 19.77 -15.78
N GLU B 93 -7.95 19.68 -15.27
CA GLU B 93 -9.06 19.09 -16.02
C GLU B 93 -8.69 17.67 -16.45
N SER B 94 -8.06 16.94 -15.54
CA SER B 94 -7.40 15.68 -15.88
C SER B 94 -8.40 14.63 -16.35
N THR B 95 -8.00 13.89 -17.37
CA THR B 95 -8.69 12.69 -17.81
C THR B 95 -7.79 11.46 -17.82
N GLN B 96 -6.51 11.60 -17.48
CA GLN B 96 -5.56 10.51 -17.51
C GLN B 96 -5.57 9.76 -16.17
N ILE B 97 -4.82 8.67 -16.13
CA ILE B 97 -4.64 7.93 -14.89
C ILE B 97 -3.33 8.29 -14.18
N GLY B 98 -2.41 8.98 -14.86
CA GLY B 98 -1.08 9.19 -14.32
C GLY B 98 -0.99 10.39 -13.39
N GLN B 99 -0.64 10.11 -12.14
CA GLN B 99 -0.23 11.13 -11.18
C GLN B 99 1.09 10.77 -10.54
N TYR B 100 1.26 9.48 -10.27
CA TYR B 100 2.27 9.01 -9.34
C TYR B 100 3.52 8.48 -10.01
N GLY B 101 3.56 8.47 -11.35
CA GLY B 101 4.74 8.02 -12.08
C GLY B 101 5.23 6.64 -11.71
N ASN B 102 4.38 5.83 -11.09
CA ASN B 102 4.76 4.49 -10.67
C ASN B 102 3.50 3.65 -10.73
N GLY B 103 3.24 3.06 -11.88
CA GLY B 103 2.35 1.92 -11.99
C GLY B 103 2.94 0.80 -12.80
N LEU B 104 3.71 1.15 -13.84
CA LEU B 104 4.36 0.13 -14.64
C LEU B 104 5.40 -0.61 -13.84
N LYS B 105 6.24 0.14 -13.15
CA LYS B 105 7.36 -0.39 -12.39
C LYS B 105 6.90 -1.06 -11.12
N SER B 106 5.75 -0.63 -10.60
CA SER B 106 5.13 -1.32 -9.47
C SER B 106 4.44 -2.60 -9.88
N GLY B 107 3.82 -2.65 -11.06
CA GLY B 107 2.98 -3.77 -11.43
C GLY B 107 3.70 -4.88 -12.16
N SER B 108 4.59 -4.53 -13.09
CA SER B 108 5.33 -5.56 -13.81
C SER B 108 6.18 -6.42 -12.87
N MET B 109 6.57 -5.86 -11.72
CA MET B 109 7.40 -6.57 -10.75
C MET B 109 6.60 -7.35 -9.73
N ARG B 110 5.40 -6.91 -9.38
CA ARG B 110 4.50 -7.81 -8.67
C ARG B 110 4.11 -8.99 -9.54
N ILE B 111 3.86 -8.73 -10.83
CA ILE B 111 3.28 -9.71 -11.71
C ILE B 111 4.22 -10.89 -11.84
N GLY B 112 5.47 -10.58 -12.16
CA GLY B 112 6.50 -11.56 -12.39
C GLY B 112 7.85 -11.00 -12.02
N LYS B 113 8.86 -11.87 -11.98
CA LYS B 113 10.21 -11.43 -11.66
C LYS B 113 10.66 -10.35 -12.64
N ASP B 114 10.71 -10.69 -13.92
CA ASP B 114 11.27 -9.82 -14.95
C ASP B 114 10.16 -9.21 -15.80
N PHE B 115 10.55 -8.32 -16.70
CA PHE B 115 9.57 -7.72 -17.62
C PHE B 115 10.30 -6.96 -18.72
N ILE B 116 9.70 -6.98 -19.92
CA ILE B 116 10.26 -6.31 -21.10
C ILE B 116 9.13 -5.54 -21.77
N LEU B 117 9.37 -4.28 -22.08
CA LEU B 117 8.42 -3.42 -22.78
C LEU B 117 8.81 -3.25 -24.24
N PHE B 118 7.79 -3.03 -25.07
CA PHE B 118 7.95 -2.59 -26.44
C PHE B 118 6.86 -1.57 -26.72
N THR B 119 7.21 -0.47 -27.38
CA THR B 119 6.20 0.53 -27.69
C THR B 119 6.60 1.37 -28.89
N LYS B 120 5.57 1.93 -29.53
CA LYS B 120 5.66 2.58 -30.82
C LYS B 120 4.97 3.94 -30.77
N LYS B 121 5.58 4.92 -31.45
CA LYS B 121 4.98 6.24 -31.64
C LYS B 121 5.66 7.00 -32.76
N GLU B 122 4.86 7.53 -33.69
CA GLU B 122 5.36 8.35 -34.77
C GLU B 122 6.37 7.56 -35.60
N ASP B 123 7.67 7.69 -35.30
CA ASP B 123 8.73 6.96 -35.99
C ASP B 123 9.74 6.42 -34.99
N THR B 124 9.23 5.92 -33.86
CA THR B 124 10.05 5.36 -32.80
C THR B 124 9.46 4.03 -32.37
N MET B 125 10.33 3.15 -31.87
CA MET B 125 9.97 1.83 -31.36
C MET B 125 10.79 1.59 -30.09
N THR B 126 10.24 1.98 -28.94
CA THR B 126 11.02 2.04 -27.71
C THR B 126 10.81 0.76 -26.91
N CYS B 127 11.87 0.31 -26.23
CA CYS B 127 11.82 -0.81 -25.31
C CYS B 127 12.27 -0.39 -23.92
N LEU B 128 11.63 -0.96 -22.91
CA LEU B 128 11.90 -0.75 -21.49
C LEU B 128 12.08 -2.15 -20.93
N PHE B 129 13.29 -2.66 -21.05
CA PHE B 129 13.65 -3.93 -20.44
C PHE B 129 14.02 -3.66 -19.00
N LEU B 130 13.31 -4.30 -18.07
CA LEU B 130 13.64 -4.23 -16.65
C LEU B 130 13.44 -5.65 -16.13
N SER B 131 14.54 -6.37 -15.98
CA SER B 131 14.52 -7.77 -15.58
C SER B 131 15.23 -7.92 -14.25
N ARG B 132 14.57 -8.58 -13.30
CA ARG B 132 15.13 -8.82 -11.99
C ARG B 132 15.92 -10.12 -11.92
N THR B 133 15.71 -11.02 -12.88
CA THR B 133 16.64 -12.13 -13.05
C THR B 133 18.04 -11.62 -13.36
N PHE B 134 18.14 -10.57 -14.18
CA PHE B 134 19.42 -9.96 -14.47
C PHE B 134 20.11 -9.49 -13.18
N HIS B 135 19.39 -8.73 -12.36
CA HIS B 135 19.96 -8.22 -11.13
C HIS B 135 20.34 -9.36 -10.19
N GLU B 136 19.49 -10.38 -10.07
CA GLU B 136 19.80 -11.50 -9.18
C GLU B 136 21.02 -12.27 -9.66
N GLU B 137 21.16 -12.48 -10.96
CA GLU B 137 22.27 -13.27 -11.48
C GLU B 137 23.60 -12.52 -11.43
N GLU B 138 23.61 -11.23 -11.76
CA GLU B 138 24.86 -10.44 -11.77
C GLU B 138 25.02 -9.54 -10.55
N GLY B 139 24.24 -9.74 -9.49
CA GLY B 139 24.49 -9.06 -8.24
C GLY B 139 24.35 -7.55 -8.29
N ILE B 140 23.29 -7.04 -8.93
CA ILE B 140 23.11 -5.61 -9.07
C ILE B 140 22.26 -5.07 -7.94
N ASP B 141 22.74 -4.00 -7.30
CA ASP B 141 22.04 -3.39 -6.19
C ASP B 141 21.13 -2.26 -6.68
N GLU B 142 21.63 -1.43 -7.59
CA GLU B 142 20.82 -0.35 -8.14
C GLU B 142 19.82 -0.90 -9.14
N VAL B 143 18.67 -0.24 -9.22
CA VAL B 143 17.70 -0.56 -10.27
C VAL B 143 18.29 -0.12 -11.60
N ILE B 144 18.58 -1.09 -12.46
CA ILE B 144 19.08 -0.83 -13.81
C ILE B 144 17.99 -1.23 -14.80
N VAL B 145 17.51 -0.25 -15.57
CA VAL B 145 16.40 -0.45 -16.49
C VAL B 145 16.91 -0.23 -17.91
N PRO B 146 17.29 -1.27 -18.65
CA PRO B 146 17.71 -1.08 -20.05
C PRO B 146 16.67 -0.40 -20.94
N LEU B 147 17.14 0.56 -21.74
CA LEU B 147 16.31 1.42 -22.60
C LEU B 147 16.79 1.40 -24.05
N PRO B 148 16.50 0.33 -24.80
CA PRO B 148 16.74 0.36 -26.24
C PRO B 148 15.53 0.87 -27.00
N THR B 149 15.79 1.54 -28.13
CA THR B 149 14.74 2.07 -28.99
C THR B 149 15.11 1.87 -30.44
N TRP B 150 14.09 1.55 -31.25
CA TRP B 150 14.22 1.34 -32.68
C TRP B 150 13.32 2.33 -33.43
N ASN B 151 13.54 2.43 -34.73
CA ASN B 151 12.65 3.21 -35.59
C ASN B 151 11.43 2.37 -35.96
N ALA B 152 10.25 3.00 -35.91
CA ALA B 152 9.02 2.26 -36.15
C ALA B 152 8.96 1.73 -37.58
N ARG B 153 9.51 2.48 -38.53
CA ARG B 153 9.47 2.09 -39.94
C ARG B 153 10.64 1.19 -40.31
N THR B 154 11.86 1.69 -40.14
CA THR B 154 13.05 1.00 -40.63
C THR B 154 13.57 -0.08 -39.69
N ARG B 155 13.02 -0.19 -38.47
CA ARG B 155 13.48 -1.18 -37.50
C ARG B 155 14.97 -1.01 -37.21
N GLU B 156 15.42 0.25 -37.19
CA GLU B 156 16.79 0.67 -37.02
C GLU B 156 16.99 1.27 -35.63
N PRO B 157 18.10 1.01 -34.93
CA PRO B 157 18.26 1.57 -33.59
C PRO B 157 18.34 3.09 -33.60
N VAL B 158 17.64 3.70 -32.64
CA VAL B 158 17.67 5.14 -32.44
C VAL B 158 17.97 5.40 -30.96
N THR B 159 19.23 5.60 -30.63
CA THR B 159 19.65 5.81 -29.26
C THR B 159 21.00 6.51 -29.25
N ASP B 160 21.16 7.42 -28.28
CA ASP B 160 22.34 8.27 -28.24
C ASP B 160 23.61 7.46 -28.05
N ASN B 161 23.60 6.52 -27.12
CA ASN B 161 24.81 5.78 -26.71
C ASN B 161 24.71 4.35 -27.24
N VAL B 162 25.54 4.03 -28.24
CA VAL B 162 25.41 2.77 -28.97
C VAL B 162 25.89 1.59 -28.13
N GLU B 163 26.96 1.76 -27.34
CA GLU B 163 27.38 0.66 -26.48
C GLU B 163 26.35 0.37 -25.40
N LYS B 164 25.71 1.42 -24.89
CA LYS B 164 24.58 1.24 -23.98
C LYS B 164 23.48 0.46 -24.68
N PHE B 165 23.19 0.79 -25.94
CA PHE B 165 22.18 0.05 -26.68
C PHE B 165 22.57 -1.42 -26.82
N ALA B 166 23.85 -1.67 -27.09
CA ALA B 166 24.33 -3.04 -27.24
C ALA B 166 24.13 -3.82 -25.94
N ILE B 167 24.44 -3.20 -24.80
CA ILE B 167 24.27 -3.87 -23.52
C ILE B 167 22.78 -4.12 -23.26
N GLU B 168 21.93 -3.15 -23.59
CA GLU B 168 20.50 -3.31 -23.37
C GLU B 168 19.95 -4.48 -24.18
N THR B 169 20.30 -4.53 -25.46
CA THR B 169 19.84 -5.63 -26.30
C THR B 169 20.45 -6.95 -25.87
N GLU B 170 21.71 -6.94 -25.40
CA GLU B 170 22.33 -8.17 -24.93
C GLU B 170 21.61 -8.71 -23.71
N LEU B 171 21.21 -7.82 -22.79
CA LEU B 171 20.44 -8.26 -21.64
C LEU B 171 19.08 -8.79 -22.06
N ILE B 172 18.47 -8.14 -23.07
CA ILE B 172 17.20 -8.62 -23.59
C ILE B 172 17.35 -10.03 -24.13
N TYR B 173 18.41 -10.30 -24.87
CA TYR B 173 18.62 -11.62 -25.44
C TYR B 173 19.14 -12.63 -24.41
N LYS B 174 19.68 -12.16 -23.29
CA LYS B 174 20.12 -13.02 -22.20
C LYS B 174 18.97 -13.52 -21.35
N TYR B 175 18.09 -12.63 -20.90
CA TYR B 175 17.06 -12.95 -19.93
C TYR B 175 15.65 -12.91 -20.50
N SER B 176 15.41 -12.10 -21.53
CA SER B 176 14.08 -11.97 -22.09
C SER B 176 13.69 -13.23 -22.85
N PRO B 177 12.38 -13.41 -23.11
CA PRO B 177 11.97 -14.55 -23.94
C PRO B 177 12.55 -14.50 -25.35
N PHE B 178 12.93 -13.31 -25.81
CA PHE B 178 13.27 -13.08 -27.20
C PHE B 178 14.77 -12.89 -27.33
N ARG B 179 15.43 -13.84 -27.99
CA ARG B 179 16.82 -13.74 -28.37
C ARG B 179 16.94 -13.22 -29.80
N THR B 180 18.06 -12.56 -30.08
CA THR B 180 18.34 -11.98 -31.39
C THR B 180 17.39 -10.83 -31.70
N GLU B 181 17.80 -9.93 -32.60
CA GLU B 181 16.96 -8.79 -32.95
C GLU B 181 15.66 -9.23 -33.58
N GLU B 182 15.67 -10.38 -34.28
CA GLU B 182 14.54 -10.79 -35.09
C GLU B 182 13.29 -11.09 -34.27
N GLU B 183 13.43 -11.78 -33.14
CA GLU B 183 12.25 -12.12 -32.36
C GLU B 183 11.69 -10.89 -31.64
N VAL B 184 12.58 -10.01 -31.16
CA VAL B 184 12.13 -8.74 -30.60
C VAL B 184 11.38 -7.94 -31.66
N MET B 185 11.89 -7.93 -32.89
CA MET B 185 11.21 -7.23 -33.97
C MET B 185 9.86 -7.87 -34.27
N THR B 186 9.79 -9.19 -34.22
CA THR B 186 8.52 -9.88 -34.43
C THR B 186 7.51 -9.44 -33.38
N GLN B 187 7.96 -9.29 -32.13
CA GLN B 187 7.08 -8.76 -31.10
C GLN B 187 6.67 -7.32 -31.43
N PHE B 188 7.61 -6.52 -31.95
CA PHE B 188 7.29 -5.13 -32.30
C PHE B 188 6.19 -5.05 -33.35
N MET B 189 6.29 -5.86 -34.40
CA MET B 189 5.33 -5.79 -35.50
C MET B 189 3.94 -6.28 -35.10
N LYS B 190 3.78 -6.88 -33.92
CA LYS B 190 2.44 -7.17 -33.43
C LYS B 190 1.65 -5.89 -33.20
N ILE B 191 2.32 -4.78 -32.93
CA ILE B 191 1.67 -3.47 -32.88
C ILE B 191 1.12 -3.19 -34.27
N PRO B 192 -0.19 -3.26 -34.50
CA PRO B 192 -0.67 -3.19 -35.89
C PRO B 192 -0.52 -1.81 -36.51
N GLY B 193 -0.86 -0.76 -35.77
CA GLY B 193 -0.75 0.59 -36.29
C GLY B 193 0.67 1.11 -36.20
N ASP B 194 0.82 2.41 -36.49
CA ASP B 194 2.10 3.10 -36.39
C ASP B 194 2.34 3.68 -35.00
N SER B 195 1.57 3.24 -34.00
CA SER B 195 1.79 3.66 -32.62
C SER B 195 1.13 2.66 -31.69
N GLY B 196 1.73 2.41 -30.54
CA GLY B 196 1.17 1.47 -29.59
C GLY B 196 2.20 1.05 -28.56
N THR B 197 1.83 0.03 -27.80
CA THR B 197 2.68 -0.47 -26.72
C THR B 197 2.41 -1.95 -26.51
N LEU B 198 3.50 -2.72 -26.56
CA LEU B 198 3.52 -4.14 -26.22
C LEU B 198 4.41 -4.31 -25.01
N VAL B 199 3.81 -4.51 -23.83
CA VAL B 199 4.57 -4.83 -22.62
C VAL B 199 4.44 -6.32 -22.34
N ILE B 200 5.57 -6.99 -22.23
CA ILE B 200 5.64 -8.40 -21.87
C ILE B 200 6.25 -8.53 -20.49
N ILE B 201 5.60 -9.31 -19.64
CA ILE B 201 6.09 -9.60 -18.30
C ILE B 201 6.32 -11.10 -18.24
N PHE B 202 7.52 -11.50 -17.86
CA PHE B 202 7.97 -12.88 -18.02
C PHE B 202 8.77 -13.32 -16.80
N ASN B 203 9.17 -14.59 -16.76
CA ASN B 203 9.85 -15.19 -15.62
C ASN B 203 9.05 -14.91 -14.34
N LEU B 204 7.84 -15.45 -14.29
CA LEU B 204 6.91 -15.05 -13.24
C LEU B 204 7.37 -15.55 -11.88
N LYS B 205 6.82 -14.93 -10.83
CA LYS B 205 7.28 -15.17 -9.47
C LYS B 205 7.01 -16.61 -9.04
N LEU B 206 5.96 -17.22 -9.63
CA LEU B 206 5.52 -18.58 -9.35
C LEU B 206 4.76 -18.67 -8.04
N MET B 207 3.59 -19.28 -8.08
CA MET B 207 2.97 -19.81 -6.88
C MET B 207 3.91 -20.84 -6.26
N ASP B 208 3.75 -21.06 -4.95
CA ASP B 208 4.71 -21.86 -4.19
C ASP B 208 4.86 -23.27 -4.74
N ASN B 209 3.80 -23.82 -5.36
CA ASN B 209 3.86 -25.17 -5.89
C ASN B 209 4.69 -25.28 -7.17
N GLY B 210 5.09 -24.15 -7.77
CA GLY B 210 5.91 -24.15 -8.97
C GLY B 210 5.19 -23.67 -10.23
N GLU B 211 3.87 -23.61 -10.21
CA GLU B 211 3.13 -23.07 -11.33
C GLU B 211 3.41 -21.57 -11.44
N PRO B 212 3.16 -20.95 -12.59
CA PRO B 212 3.27 -19.49 -12.67
C PRO B 212 2.28 -18.83 -11.71
N GLU B 213 2.48 -17.52 -11.49
CA GLU B 213 1.55 -16.78 -10.63
C GLU B 213 0.23 -16.47 -11.33
N LEU B 214 0.17 -16.60 -12.66
CA LEU B 214 -1.01 -16.25 -13.45
C LEU B 214 -1.38 -17.42 -14.33
N ASP B 215 -2.51 -18.06 -14.02
CA ASP B 215 -2.96 -19.19 -14.82
C ASP B 215 -3.64 -18.69 -16.09
N ILE B 216 -3.08 -19.09 -17.24
CA ILE B 216 -3.68 -18.82 -18.54
C ILE B 216 -4.23 -20.11 -19.15
N ILE B 217 -3.97 -21.24 -18.51
CA ILE B 217 -4.19 -22.55 -19.12
C ILE B 217 -5.57 -23.05 -18.77
N SER B 218 -6.07 -22.68 -17.59
CA SER B 218 -7.43 -23.06 -17.19
C SER B 218 -8.45 -22.49 -18.16
N ASN B 219 -8.24 -21.25 -18.59
CA ASN B 219 -9.06 -20.59 -19.61
C ASN B 219 -8.10 -20.01 -20.64
N PRO B 220 -7.99 -20.59 -21.85
CA PRO B 220 -6.99 -20.08 -22.80
C PRO B 220 -7.30 -18.70 -23.35
N ARG B 221 -8.49 -18.16 -23.07
CA ARG B 221 -8.89 -16.82 -23.51
C ARG B 221 -8.73 -15.77 -22.41
N ASP B 222 -8.04 -16.11 -21.32
CA ASP B 222 -8.05 -15.27 -20.14
C ASP B 222 -6.74 -15.43 -19.39
N ILE B 223 -6.45 -14.46 -18.53
CA ILE B 223 -5.35 -14.53 -17.58
C ILE B 223 -5.98 -14.60 -16.19
N GLN B 224 -6.11 -15.82 -15.68
CA GLN B 224 -6.66 -16.04 -14.35
C GLN B 224 -5.56 -16.06 -13.31
N MET B 225 -5.93 -15.77 -12.07
CA MET B 225 -5.01 -15.94 -10.95
C MET B 225 -4.67 -17.41 -10.80
N ALA B 226 -3.38 -17.71 -10.66
CA ALA B 226 -2.92 -19.07 -10.39
C ALA B 226 -3.25 -19.36 -8.92
N GLU B 227 -4.52 -19.63 -8.68
CA GLU B 227 -5.09 -19.71 -7.35
C GLU B 227 -6.50 -20.25 -7.53
N THR B 228 -7.03 -20.82 -6.45
CA THR B 228 -8.34 -21.46 -6.51
C THR B 228 -9.43 -20.41 -6.74
N SER B 229 -10.68 -20.85 -6.76
CA SER B 229 -11.82 -19.96 -6.87
C SER B 229 -12.66 -20.12 -5.62
N PRO B 230 -12.32 -19.44 -4.52
CA PRO B 230 -13.19 -19.44 -3.34
C PRO B 230 -14.57 -18.92 -3.71
N GLU B 231 -15.57 -19.23 -2.88
CA GLU B 231 -16.90 -18.68 -3.10
C GLU B 231 -16.88 -17.16 -3.04
N GLY B 232 -16.19 -16.61 -2.04
CA GLY B 232 -15.94 -15.19 -1.97
C GLY B 232 -14.67 -14.86 -2.70
N THR B 233 -14.80 -14.51 -3.98
CA THR B 233 -13.68 -14.13 -4.82
C THR B 233 -14.26 -13.50 -6.07
N LYS B 234 -13.87 -12.27 -6.35
CA LYS B 234 -14.40 -11.56 -7.50
C LYS B 234 -13.75 -12.08 -8.77
N PRO B 235 -14.45 -12.07 -9.92
CA PRO B 235 -13.75 -12.38 -11.18
C PRO B 235 -12.70 -11.34 -11.52
N GLU B 236 -12.86 -10.13 -11.03
CA GLU B 236 -11.89 -9.07 -11.28
C GLU B 236 -10.59 -9.33 -10.55
N ARG B 237 -10.65 -9.93 -9.36
CA ARG B 237 -9.47 -10.43 -8.66
C ARG B 237 -9.13 -11.87 -9.01
N ARG B 238 -9.94 -12.51 -9.86
CA ARG B 238 -9.67 -13.85 -10.38
C ARG B 238 -9.46 -13.88 -11.88
N SER B 239 -9.71 -12.78 -12.59
CA SER B 239 -9.59 -12.76 -14.04
C SER B 239 -9.35 -11.33 -14.52
N PHE B 240 -8.19 -11.10 -15.13
CA PHE B 240 -7.94 -9.77 -15.66
C PHE B 240 -8.84 -9.45 -16.84
N ARG B 241 -9.44 -10.46 -17.47
CA ARG B 241 -10.52 -10.19 -18.41
C ARG B 241 -11.59 -9.33 -17.76
N ALA B 242 -12.11 -9.80 -16.62
CA ALA B 242 -13.13 -9.04 -15.91
C ALA B 242 -12.58 -7.69 -15.42
N TYR B 243 -11.38 -7.68 -14.86
CA TYR B 243 -10.87 -6.42 -14.31
C TYR B 243 -10.69 -5.37 -15.39
N ALA B 244 -9.98 -5.70 -16.46
CA ALA B 244 -9.82 -4.77 -17.56
C ALA B 244 -11.15 -4.39 -18.17
N ALA B 245 -12.15 -5.29 -18.12
CA ALA B 245 -13.48 -4.92 -18.56
C ALA B 245 -14.04 -3.76 -17.75
N VAL B 246 -13.93 -3.83 -16.42
CA VAL B 246 -14.58 -2.84 -15.56
C VAL B 246 -13.60 -1.78 -15.06
N LEU B 247 -12.42 -1.66 -15.67
CA LEU B 247 -11.37 -0.85 -15.06
C LEU B 247 -11.57 0.65 -15.26
N TYR B 248 -12.30 1.08 -16.29
CA TYR B 248 -12.42 2.49 -16.64
C TYR B 248 -13.86 2.96 -16.53
N ILE B 249 -14.00 4.24 -16.18
CA ILE B 249 -15.31 4.88 -16.15
C ILE B 249 -15.75 5.32 -17.54
N ASP B 250 -14.81 5.69 -18.41
CA ASP B 250 -15.06 6.06 -19.79
C ASP B 250 -14.13 5.25 -20.68
N PRO B 251 -14.38 3.94 -20.82
CA PRO B 251 -13.51 3.12 -21.67
C PRO B 251 -13.68 3.40 -23.15
N ARG B 252 -12.97 4.42 -23.65
CA ARG B 252 -12.70 4.54 -25.08
C ARG B 252 -11.51 3.64 -25.41
N MET B 253 -11.74 2.34 -25.20
CA MET B 253 -10.73 1.30 -25.29
C MET B 253 -11.46 -0.04 -25.35
N ARG B 254 -11.09 -0.86 -26.32
CA ARG B 254 -11.43 -2.28 -26.30
C ARG B 254 -10.21 -3.02 -25.77
N ILE B 255 -10.45 -4.20 -25.19
CA ILE B 255 -9.40 -4.93 -24.50
C ILE B 255 -9.47 -6.33 -25.09
N PHE B 256 -8.39 -6.79 -25.73
CA PHE B 256 -8.38 -8.10 -26.40
C PHE B 256 -7.46 -9.06 -25.62
N ILE B 257 -8.05 -9.71 -24.61
CA ILE B 257 -7.30 -10.70 -23.85
C ILE B 257 -7.17 -11.96 -24.70
N HIS B 258 -5.94 -12.41 -24.93
CA HIS B 258 -5.66 -13.59 -25.74
C HIS B 258 -6.24 -13.45 -27.16
N GLY B 259 -6.13 -12.24 -27.70
CA GLY B 259 -6.67 -11.96 -29.01
C GLY B 259 -8.16 -12.21 -29.07
N HIS B 260 -8.86 -11.90 -27.99
CA HIS B 260 -10.31 -12.07 -27.90
C HIS B 260 -10.85 -10.87 -27.13
N LYS B 261 -11.74 -10.11 -27.76
CA LYS B 261 -12.22 -8.87 -27.18
C LYS B 261 -12.95 -9.13 -25.87
N VAL B 262 -12.65 -8.30 -24.88
CA VAL B 262 -13.40 -8.24 -23.64
C VAL B 262 -14.52 -7.23 -23.78
N GLN B 263 -15.70 -7.60 -23.29
CA GLN B 263 -16.84 -6.69 -23.28
C GLN B 263 -16.61 -5.67 -22.17
N THR B 264 -15.77 -4.68 -22.46
CA THR B 264 -15.62 -3.55 -21.56
C THR B 264 -16.97 -2.89 -21.35
N LYS B 265 -17.28 -2.57 -20.11
CA LYS B 265 -18.59 -2.05 -19.72
C LYS B 265 -18.44 -0.75 -18.97
N ARG B 266 -19.19 0.26 -19.41
CA ARG B 266 -19.31 1.51 -18.67
C ARG B 266 -20.18 1.20 -17.47
N LEU B 267 -19.55 1.14 -16.29
CA LEU B 267 -20.33 0.99 -15.06
C LEU B 267 -21.10 2.29 -14.75
N SER B 268 -20.81 3.36 -15.49
CA SER B 268 -21.66 4.54 -15.42
C SER B 268 -23.07 4.24 -15.91
N CYS B 269 -23.19 3.55 -17.06
CA CYS B 269 -24.47 3.38 -17.75
C CYS B 269 -24.62 1.96 -18.30
N CYS B 270 -24.29 0.97 -17.46
CA CYS B 270 -24.62 -0.42 -17.78
C CYS B 270 -25.34 -1.14 -16.64
N LEU B 271 -26.18 -0.45 -15.86
CA LEU B 271 -26.85 -1.04 -14.71
C LEU B 271 -28.30 -0.58 -14.64
N TYR B 272 -29.00 -1.11 -13.63
CA TYR B 272 -30.41 -0.80 -13.42
C TYR B 272 -30.58 0.53 -12.72
N LYS B 273 -31.36 1.42 -13.34
CA LYS B 273 -31.64 2.76 -12.85
C LYS B 273 -30.36 3.51 -12.52
N PRO B 274 -29.52 3.82 -13.51
CA PRO B 274 -28.36 4.68 -13.24
C PRO B 274 -28.82 6.09 -12.89
N ARG B 275 -28.17 6.68 -11.89
CA ARG B 275 -28.52 8.02 -11.42
C ARG B 275 -27.26 8.79 -11.08
N MET B 276 -27.16 10.01 -11.60
CA MET B 276 -25.99 10.86 -11.43
C MET B 276 -26.27 11.80 -10.26
N TYR B 277 -25.83 11.39 -9.06
CA TYR B 277 -25.96 12.26 -7.90
C TYR B 277 -24.78 13.22 -7.85
N LYS B 278 -25.07 14.48 -8.17
CA LYS B 278 -24.08 15.55 -8.14
C LYS B 278 -24.06 16.12 -6.72
N TYR B 279 -23.08 15.67 -5.94
CA TYR B 279 -22.95 16.00 -4.53
C TYR B 279 -21.62 16.67 -4.28
N THR B 280 -21.62 17.72 -3.46
CA THR B 280 -20.40 18.39 -3.04
C THR B 280 -19.69 17.66 -1.89
N SER B 281 -20.10 16.43 -1.55
CA SER B 281 -19.43 15.58 -0.56
C SER B 281 -19.56 16.13 0.87
N SER B 282 -20.23 17.28 1.01
CA SER B 282 -20.12 18.19 2.15
C SER B 282 -18.72 18.80 2.28
N ARG B 283 -17.80 18.49 1.35
CA ARG B 283 -16.43 18.96 1.41
C ARG B 283 -15.98 19.55 0.07
N PHE B 284 -16.45 18.95 -1.03
CA PHE B 284 -15.83 19.07 -2.35
C PHE B 284 -15.80 20.54 -2.74
N LYS B 285 -16.86 21.29 -2.45
CA LYS B 285 -16.80 22.72 -2.72
C LYS B 285 -15.72 23.38 -1.88
N THR B 286 -15.53 22.93 -0.63
CA THR B 286 -14.44 23.43 0.18
C THR B 286 -13.09 22.89 -0.29
N ARG B 287 -13.03 21.59 -0.59
CA ARG B 287 -11.79 21.01 -1.09
C ARG B 287 -11.45 21.58 -2.46
N ALA B 288 -12.45 21.71 -3.34
CA ALA B 288 -12.22 22.40 -4.60
C ALA B 288 -11.84 23.85 -4.36
N GLU B 289 -12.51 24.51 -3.41
CA GLU B 289 -12.10 25.86 -3.05
C GLU B 289 -10.68 25.87 -2.50
N GLN B 290 -10.34 24.88 -1.67
CA GLN B 290 -8.97 24.76 -1.17
C GLN B 290 -8.00 24.51 -2.31
N GLU B 291 -8.37 23.61 -3.23
CA GLU B 291 -7.53 23.34 -4.40
C GLU B 291 -7.53 24.54 -5.33
N VAL B 292 -8.70 25.17 -5.53
CA VAL B 292 -8.76 26.40 -6.31
C VAL B 292 -7.97 27.50 -5.62
N LYS B 293 -8.02 27.53 -4.28
CA LYS B 293 -7.20 28.49 -3.54
C LYS B 293 -5.73 28.12 -3.60
N LYS B 294 -5.42 26.82 -3.61
CA LYS B 294 -4.03 26.36 -3.58
C LYS B 294 -3.45 26.42 -4.98
N ALA B 295 -4.06 25.70 -5.92
CA ALA B 295 -3.51 25.55 -7.26
C ALA B 295 -3.38 26.90 -7.95
N GLU B 296 -4.36 27.78 -7.76
CA GLU B 296 -4.23 29.14 -8.25
C GLU B 296 -3.06 29.84 -7.56
N HIS B 297 -2.93 29.66 -6.24
CA HIS B 297 -1.86 30.31 -5.50
C HIS B 297 -0.50 29.77 -5.94
N VAL B 298 -0.33 28.44 -5.94
CA VAL B 298 0.96 27.87 -6.31
C VAL B 298 1.23 28.10 -7.79
N ALA B 299 0.17 28.29 -8.59
CA ALA B 299 0.38 28.69 -9.99
C ALA B 299 1.11 30.03 -10.06
N ARG B 300 0.74 30.97 -9.19
CA ARG B 300 1.47 32.24 -9.14
C ARG B 300 2.91 32.03 -8.71
N ILE B 301 3.14 31.12 -7.76
CA ILE B 301 4.50 30.88 -7.28
C ILE B 301 5.39 30.37 -8.40
N ALA B 302 4.91 29.38 -9.15
CA ALA B 302 5.68 28.87 -10.27
C ALA B 302 5.67 29.86 -11.44
N GLU B 303 4.56 30.57 -11.64
CA GLU B 303 4.53 31.61 -12.66
C GLU B 303 5.45 32.77 -12.29
N GLU B 304 5.55 33.09 -11.00
CA GLU B 304 6.47 34.13 -10.57
C GLU B 304 7.91 33.76 -10.91
N LYS B 305 8.28 32.50 -10.70
CA LYS B 305 9.61 32.04 -11.07
C LYS B 305 9.80 32.07 -12.58
N ALA B 306 8.83 31.50 -13.32
CA ALA B 306 8.95 31.45 -14.77
C ALA B 306 8.81 32.83 -15.40
N ARG B 307 8.14 33.76 -14.72
CA ARG B 307 8.04 35.13 -15.19
C ARG B 307 9.43 35.76 -15.23
N ALA B 309 11.78 33.65 -16.07
CA ALA B 309 12.50 32.81 -17.02
C ALA B 309 12.00 33.06 -18.44
N ARG B 343 9.23 30.78 -18.92
CA ARG B 343 7.90 31.33 -19.18
C ARG B 343 6.91 30.25 -19.58
N ARG B 344 7.42 29.09 -20.01
CA ARG B 344 6.53 27.98 -20.35
C ARG B 344 5.71 27.55 -19.16
N GLU B 345 6.35 27.43 -17.98
CA GLU B 345 5.60 27.11 -16.78
C GLU B 345 4.64 28.24 -16.41
N ALA B 346 5.02 29.49 -16.70
CA ALA B 346 4.13 30.61 -16.40
C ALA B 346 2.86 30.55 -17.26
N ASP B 347 3.01 30.29 -18.56
CA ASP B 347 1.85 30.13 -19.41
C ASP B 347 1.06 28.88 -19.01
N VAL B 348 1.77 27.80 -18.69
CA VAL B 348 1.12 26.60 -18.18
C VAL B 348 0.43 26.91 -16.85
N LYS B 349 1.11 27.62 -15.95
CA LYS B 349 0.51 27.96 -14.67
C LYS B 349 -0.62 28.96 -14.83
N LYS B 350 -0.45 29.93 -15.74
CA LYS B 350 -1.55 30.81 -16.09
C LYS B 350 -2.70 30.01 -16.71
N ARG B 351 -2.37 29.07 -17.60
CA ARG B 351 -3.41 28.24 -18.20
C ARG B 351 -4.05 27.35 -17.15
N ILE B 352 -3.24 26.85 -16.20
CA ILE B 352 -3.80 26.17 -15.04
C ILE B 352 -4.67 27.13 -14.23
N LYS B 353 -4.16 28.33 -13.97
CA LYS B 353 -4.83 29.24 -13.04
C LYS B 353 -6.21 29.64 -13.56
N GLU B 354 -6.32 30.01 -14.85
CA GLU B 354 -7.64 30.29 -15.40
C GLU B 354 -8.52 29.06 -15.36
N ALA B 355 -7.97 27.90 -15.68
CA ALA B 355 -8.71 26.65 -15.54
C ALA B 355 -9.09 26.40 -14.09
N LYS B 356 -8.23 26.81 -13.15
CA LYS B 356 -8.56 26.65 -11.74
C LYS B 356 -9.57 27.69 -11.27
N GLN B 357 -9.77 28.77 -12.03
CA GLN B 357 -10.94 29.61 -11.77
C GLN B 357 -12.20 28.94 -12.28
N ARG B 358 -12.11 28.23 -13.41
CA ARG B 358 -13.25 27.43 -13.86
C ARG B 358 -13.42 26.18 -13.00
N ALA B 359 -12.38 25.80 -12.26
CA ALA B 359 -12.53 24.73 -11.28
C ALA B 359 -13.44 25.11 -10.12
N LEU B 360 -13.76 26.39 -9.97
CA LEU B 360 -14.67 26.86 -8.94
C LEU B 360 -16.14 26.66 -9.31
N LYS B 361 -16.44 26.40 -10.59
CA LYS B 361 -17.82 26.30 -11.06
C LYS B 361 -18.16 24.88 -11.52
N GLU B 362 -17.43 24.34 -12.50
CA GLU B 362 -17.86 23.08 -13.08
C GLU B 362 -17.65 21.93 -12.09
N PRO B 363 -16.46 21.76 -11.50
CA PRO B 363 -16.29 20.72 -10.46
C PRO B 363 -16.56 21.21 -9.03
N LYS B 364 -17.85 21.40 -8.70
CA LYS B 364 -18.29 21.65 -7.34
C LYS B 364 -19.07 20.48 -6.73
N GLU B 365 -19.70 19.64 -7.55
CA GLU B 365 -20.42 18.45 -7.07
C GLU B 365 -19.80 17.21 -7.70
N LEU B 366 -19.43 16.26 -6.85
CA LEU B 366 -18.87 15.00 -7.33
C LEU B 366 -19.91 14.23 -8.12
N ASN B 367 -19.48 13.67 -9.25
CA ASN B 367 -20.35 12.90 -10.12
C ASN B 367 -20.50 11.49 -9.57
N PHE B 368 -21.49 11.27 -8.69
CA PHE B 368 -21.79 9.93 -8.18
C PHE B 368 -22.78 9.29 -9.12
N VAL B 369 -22.30 8.32 -9.90
CA VAL B 369 -23.17 7.52 -10.77
C VAL B 369 -23.48 6.21 -10.06
N PHE B 370 -24.57 6.18 -9.29
CA PHE B 370 -24.99 4.96 -8.61
C PHE B 370 -25.76 4.08 -9.57
N GLY B 371 -25.68 2.77 -9.36
CA GLY B 371 -26.38 1.81 -10.21
C GLY B 371 -26.37 0.41 -9.63
N VAL B 372 -27.49 -0.30 -9.76
CA VAL B 372 -27.62 -1.65 -9.21
C VAL B 372 -27.22 -2.65 -10.27
N ASN B 373 -26.14 -3.38 -10.01
CA ASN B 373 -25.60 -4.33 -10.98
C ASN B 373 -26.45 -5.60 -10.95
N ILE B 374 -27.16 -5.86 -12.05
CA ILE B 374 -28.06 -7.00 -12.10
C ILE B 374 -27.38 -8.22 -12.70
N GLU B 375 -26.39 -8.00 -13.58
CA GLU B 375 -25.64 -9.13 -14.14
C GLU B 375 -24.90 -9.89 -13.06
N HIS B 376 -24.29 -9.18 -12.11
CA HIS B 376 -23.63 -9.79 -10.95
C HIS B 376 -23.93 -8.91 -9.74
N ARG B 377 -24.83 -9.36 -8.88
CA ARG B 377 -25.18 -8.60 -7.67
C ARG B 377 -24.10 -8.71 -6.61
N ASP B 378 -23.42 -9.84 -6.55
CA ASP B 378 -22.36 -9.99 -5.57
C ASP B 378 -21.17 -9.12 -5.91
N LEU B 379 -21.01 -8.78 -7.19
CA LEU B 379 -19.96 -7.85 -7.61
C LEU B 379 -20.47 -6.43 -7.43
N ASP B 380 -20.46 -5.99 -6.18
CA ASP B 380 -21.06 -4.72 -5.77
C ASP B 380 -20.18 -3.98 -4.77
N GLY B 381 -20.73 -2.94 -4.16
CA GLY B 381 -19.91 -2.01 -3.41
C GLY B 381 -19.49 -0.92 -4.36
N MET B 382 -19.10 0.23 -3.84
CA MET B 382 -18.79 1.37 -4.69
C MET B 382 -17.55 1.08 -5.51
N PHE B 383 -17.71 0.94 -6.82
CA PHE B 383 -16.57 0.88 -7.73
C PHE B 383 -15.96 2.26 -7.79
N ILE B 384 -15.13 2.60 -6.82
CA ILE B 384 -14.64 3.97 -6.71
C ILE B 384 -13.68 4.20 -7.87
N TYR B 385 -14.13 4.92 -8.89
CA TYR B 385 -13.24 5.36 -9.93
C TYR B 385 -12.55 6.63 -9.46
N ASN B 386 -11.51 7.04 -10.18
CA ASN B 386 -10.82 8.28 -9.84
C ASN B 386 -10.11 8.81 -11.06
N CYS B 387 -10.73 9.79 -11.70
CA CYS B 387 -10.32 10.29 -13.01
C CYS B 387 -10.20 9.12 -14.00
N SER B 388 -11.26 8.31 -14.05
CA SER B 388 -11.44 7.29 -15.09
C SER B 388 -10.54 6.07 -14.88
N ARG B 389 -10.20 5.79 -13.62
CA ARG B 389 -9.52 4.55 -13.25
C ARG B 389 -10.18 3.99 -12.01
N LEU B 390 -10.51 2.70 -12.04
CA LEU B 390 -11.04 2.02 -10.87
C LEU B 390 -9.97 1.89 -9.79
N ILE B 391 -9.95 2.84 -8.86
CA ILE B 391 -8.94 2.81 -7.81
C ILE B 391 -9.35 1.94 -6.64
N LYS B 392 -10.62 2.00 -6.20
CA LYS B 392 -11.07 1.20 -5.06
C LYS B 392 -12.28 0.40 -5.51
N MET B 393 -11.97 -0.76 -6.07
CA MET B 393 -12.97 -1.72 -6.50
C MET B 393 -13.61 -2.38 -5.29
N TYR B 394 -14.93 -2.54 -5.35
CA TYR B 394 -15.68 -3.32 -4.37
C TYR B 394 -15.52 -2.78 -2.95
N GLU B 395 -15.32 -1.47 -2.84
CA GLU B 395 -15.16 -0.84 -1.53
C GLU B 395 -16.55 -0.50 -1.02
N LYS B 396 -17.10 -1.39 -0.21
CA LYS B 396 -18.43 -1.19 0.34
C LYS B 396 -18.41 0.01 1.29
N VAL B 397 -19.41 0.89 1.14
CA VAL B 397 -19.54 2.10 1.93
C VAL B 397 -20.89 2.06 2.62
N GLY B 398 -21.19 3.11 3.38
CA GLY B 398 -22.54 3.43 3.79
C GLY B 398 -23.29 2.28 4.44
N PRO B 399 -24.52 2.01 3.98
CA PRO B 399 -25.20 0.77 4.42
C PRO B 399 -24.47 -0.51 4.05
N GLN B 400 -23.73 -0.54 2.93
CA GLN B 400 -23.08 -1.78 2.53
C GLN B 400 -22.03 -2.22 3.53
N LEU B 401 -21.37 -1.27 4.19
CA LEU B 401 -20.48 -1.61 5.30
C LEU B 401 -21.23 -2.34 6.40
N GLU B 402 -22.51 -1.99 6.59
CA GLU B 402 -23.35 -2.68 7.56
C GLU B 402 -23.87 -3.98 6.94
N GLY B 403 -23.74 -5.07 7.68
CA GLY B 403 -24.18 -6.36 7.18
C GLY B 403 -25.67 -6.42 6.91
N GLY B 404 -26.03 -6.75 5.68
CA GLY B 404 -27.42 -6.85 5.30
C GLY B 404 -27.61 -6.57 3.83
N MET B 405 -28.87 -6.56 3.41
CA MET B 405 -29.23 -6.27 2.03
C MET B 405 -29.32 -4.78 1.74
N ALA B 406 -29.11 -3.92 2.74
CA ALA B 406 -29.21 -2.48 2.52
C ALA B 406 -28.18 -2.03 1.49
N CYS B 407 -28.68 -1.60 0.34
CA CYS B 407 -27.84 -1.12 -0.76
C CYS B 407 -26.90 -2.22 -1.28
N GLY B 408 -27.31 -3.48 -1.13
CA GLY B 408 -26.56 -4.57 -1.71
C GLY B 408 -26.79 -4.66 -3.20
N GLY B 409 -25.71 -4.67 -3.97
CA GLY B 409 -25.76 -4.66 -5.42
C GLY B 409 -25.43 -3.32 -6.05
N VAL B 410 -25.54 -2.24 -5.29
CA VAL B 410 -25.34 -0.91 -5.87
C VAL B 410 -23.86 -0.71 -6.15
N VAL B 411 -23.50 -0.70 -7.43
CA VAL B 411 -22.15 -0.40 -7.87
C VAL B 411 -22.09 1.12 -8.04
N GLY B 412 -21.64 1.80 -6.99
CA GLY B 412 -21.39 3.22 -7.12
C GLY B 412 -20.20 3.48 -8.03
N VAL B 413 -20.35 4.52 -8.85
CA VAL B 413 -19.36 4.85 -9.87
C VAL B 413 -19.16 6.35 -9.86
N VAL B 414 -17.97 6.78 -9.46
CA VAL B 414 -17.64 8.20 -9.35
C VAL B 414 -16.28 8.43 -9.98
N ASP B 415 -16.24 9.29 -10.99
CA ASP B 415 -14.97 9.81 -11.49
C ASP B 415 -14.46 10.82 -10.48
N VAL B 416 -13.83 10.35 -9.40
CA VAL B 416 -13.27 11.22 -8.39
C VAL B 416 -12.15 12.01 -9.06
N PRO B 417 -12.28 13.33 -9.28
CA PRO B 417 -11.18 14.04 -9.95
C PRO B 417 -9.96 14.12 -9.06
N TYR B 418 -8.89 14.69 -9.60
CA TYR B 418 -7.63 14.80 -8.90
C TYR B 418 -7.58 16.01 -7.96
N LEU B 419 -8.69 16.75 -7.84
CA LEU B 419 -8.83 17.81 -6.86
C LEU B 419 -9.36 17.29 -5.53
N VAL B 420 -10.23 16.28 -5.57
CA VAL B 420 -10.89 15.77 -4.37
C VAL B 420 -9.95 14.84 -3.63
N LEU B 421 -9.59 13.74 -4.30
CA LEU B 421 -8.80 12.67 -3.71
C LEU B 421 -7.73 12.25 -4.70
N GLU B 422 -6.73 11.54 -4.20
CA GLU B 422 -5.68 10.98 -5.03
C GLU B 422 -5.46 9.52 -4.65
N PRO B 423 -5.02 8.67 -5.58
CA PRO B 423 -4.90 7.24 -5.29
C PRO B 423 -3.82 6.95 -4.25
N THR B 424 -3.65 5.67 -3.92
CA THR B 424 -2.52 5.24 -3.10
C THR B 424 -1.35 4.86 -4.00
N HIS B 425 -0.23 4.51 -3.38
CA HIS B 425 0.96 4.04 -4.11
C HIS B 425 0.61 2.91 -5.06
N ASN B 426 -0.17 1.94 -4.58
CA ASN B 426 -0.62 0.83 -5.40
C ASN B 426 -1.78 1.19 -6.32
N LYS B 427 -2.37 2.36 -6.16
CA LYS B 427 -3.56 2.76 -6.90
C LYS B 427 -4.70 1.77 -6.67
N GLN B 428 -4.70 1.15 -5.48
CA GLN B 428 -5.79 0.29 -5.04
C GLN B 428 -6.52 0.82 -3.81
N ASP B 429 -5.98 1.86 -3.16
CA ASP B 429 -6.66 2.62 -2.11
C ASP B 429 -6.53 4.09 -2.48
N PHE B 430 -6.87 5.01 -1.57
CA PHE B 430 -6.61 6.45 -1.75
C PHE B 430 -5.67 6.95 -0.66
N ALA B 431 -4.81 7.90 -1.01
CA ALA B 431 -3.76 8.38 -0.12
C ALA B 431 -4.30 9.02 1.15
N ASP B 432 -5.00 10.15 0.99
CA ASP B 432 -5.49 10.87 2.15
C ASP B 432 -6.64 10.09 2.76
N ALA B 433 -6.36 9.37 3.85
CA ALA B 433 -7.37 8.50 4.42
C ALA B 433 -8.50 9.28 5.07
N LYS B 434 -8.21 10.44 5.65
CA LYS B 434 -9.28 11.26 6.21
C LYS B 434 -10.27 11.65 5.12
N GLU B 435 -9.76 12.30 4.06
CA GLU B 435 -10.64 12.71 2.98
C GLU B 435 -11.27 11.52 2.30
N TYR B 436 -10.60 10.36 2.29
CA TYR B 436 -11.18 9.20 1.66
C TYR B 436 -12.37 8.72 2.49
N ARG B 437 -12.20 8.65 3.81
CA ARG B 437 -13.28 8.23 4.68
C ARG B 437 -14.45 9.20 4.59
N HIS B 438 -14.16 10.49 4.50
CA HIS B 438 -15.23 11.46 4.33
C HIS B 438 -15.95 11.27 3.00
N LEU B 439 -15.19 10.98 1.94
CA LEU B 439 -15.81 10.76 0.64
C LEU B 439 -16.67 9.50 0.66
N LEU B 440 -16.20 8.44 1.33
CA LEU B 440 -16.99 7.23 1.45
C LEU B 440 -18.23 7.45 2.30
N ARG B 441 -18.13 8.30 3.32
CA ARG B 441 -19.31 8.65 4.10
C ARG B 441 -20.28 9.47 3.26
N ALA B 442 -19.76 10.34 2.41
CA ALA B 442 -20.61 11.11 1.51
C ALA B 442 -21.34 10.20 0.53
N MET B 443 -20.62 9.27 -0.08
CA MET B 443 -21.29 8.30 -0.95
C MET B 443 -22.15 7.33 -0.16
N GLY B 444 -21.90 7.12 1.12
CA GLY B 444 -22.85 6.36 1.92
C GLY B 444 -24.16 7.09 2.09
N GLU B 445 -24.06 8.39 2.39
CA GLU B 445 -25.26 9.23 2.48
C GLU B 445 -26.04 9.21 1.17
N HIS B 446 -25.34 9.45 0.05
CA HIS B 446 -26.03 9.50 -1.24
C HIS B 446 -26.30 8.13 -1.82
N LEU B 447 -25.67 7.08 -1.31
CA LEU B 447 -26.06 5.72 -1.65
C LEU B 447 -27.38 5.37 -0.99
N ALA B 448 -27.55 5.76 0.27
CA ALA B 448 -28.85 5.65 0.89
C ALA B 448 -29.87 6.50 0.16
N GLN B 449 -29.48 7.71 -0.26
CA GLN B 449 -30.37 8.57 -1.04
C GLN B 449 -30.80 7.88 -2.33
N TYR B 450 -29.85 7.33 -3.07
CA TYR B 450 -30.16 6.62 -4.31
C TYR B 450 -31.03 5.41 -4.03
N TRP B 451 -30.74 4.69 -2.95
CA TRP B 451 -31.49 3.48 -2.61
C TRP B 451 -32.94 3.80 -2.30
N LYS B 452 -33.20 4.91 -1.60
CA LYS B 452 -34.59 5.31 -1.36
C LYS B 452 -35.24 5.95 -2.58
N ASP B 453 -34.47 6.67 -3.40
CA ASP B 453 -35.03 7.28 -4.60
C ASP B 453 -35.52 6.22 -5.58
N ILE B 454 -34.67 5.22 -5.87
CA ILE B 454 -35.15 4.08 -6.66
C ILE B 454 -36.17 3.30 -5.87
N ALA B 455 -36.07 3.32 -4.54
CA ALA B 455 -37.05 2.69 -3.66
C ALA B 455 -37.07 1.18 -3.88
N ILE B 456 -35.88 0.62 -4.15
CA ILE B 456 -35.80 -0.79 -4.50
C ILE B 456 -36.07 -1.66 -3.26
N ALA B 457 -35.50 -1.30 -2.12
CA ALA B 457 -35.83 -2.05 -0.90
C ALA B 457 -37.28 -1.83 -0.48
N GLN B 458 -37.83 -0.65 -0.77
CA GLN B 458 -39.24 -0.40 -0.51
C GLN B 458 -40.11 -1.33 -1.36
N ARG B 459 -39.71 -1.56 -2.61
CA ARG B 459 -40.49 -2.36 -3.55
C ARG B 459 -40.05 -3.82 -3.58
N GLY B 460 -39.47 -4.35 -2.49
CA GLY B 460 -38.96 -5.62 -2.01
C GLY B 460 -37.68 -6.09 -2.67
N ILE B 461 -36.53 -5.55 -2.23
CA ILE B 461 -35.20 -5.89 -2.76
C ILE B 461 -35.04 -7.39 -3.03
N ILE B 462 -35.60 -8.24 -2.17
CA ILE B 462 -35.63 -9.67 -2.45
C ILE B 462 -36.41 -9.94 -3.73
N LYS B 463 -37.56 -9.28 -3.90
CA LYS B 463 -38.36 -9.48 -5.10
C LYS B 463 -37.63 -8.93 -6.33
N PHE B 464 -36.90 -7.82 -6.15
CA PHE B 464 -36.12 -7.23 -7.23
C PHE B 464 -35.08 -8.23 -7.74
N TRP B 465 -34.30 -8.81 -6.82
CA TRP B 465 -33.32 -9.81 -7.24
C TRP B 465 -34.00 -11.06 -7.78
N ASP B 466 -35.16 -11.43 -7.24
CA ASP B 466 -35.88 -12.60 -7.74
C ASP B 466 -36.29 -12.40 -9.19
N GLU B 467 -36.83 -11.23 -9.52
CA GLU B 467 -37.22 -10.99 -10.91
C GLU B 467 -36.01 -10.86 -11.82
N PHE B 468 -34.89 -10.35 -11.31
CA PHE B 468 -33.66 -10.27 -12.10
C PHE B 468 -32.73 -11.44 -11.78
N GLY B 469 -33.25 -12.65 -11.98
CA GLY B 469 -32.42 -13.85 -12.00
C GLY B 469 -32.13 -14.58 -10.71
N TYR B 470 -31.68 -13.86 -9.67
CA TYR B 470 -31.15 -14.50 -8.47
C TYR B 470 -32.27 -15.09 -7.63
N LEU B 471 -32.27 -16.41 -7.47
CA LEU B 471 -33.27 -17.14 -6.71
C LEU B 471 -32.63 -18.00 -5.63
N SER B 472 -31.70 -17.39 -4.88
CA SER B 472 -31.00 -18.10 -3.81
C SER B 472 -30.63 -17.11 -2.72
N ALA B 473 -30.71 -17.58 -1.46
CA ALA B 473 -30.30 -16.75 -0.34
C ALA B 473 -28.80 -16.46 -0.36
N ASN B 474 -28.02 -17.32 -1.03
CA ASN B 474 -26.58 -17.13 -1.16
C ASN B 474 -26.37 -15.86 -1.97
N TRP B 475 -25.65 -14.88 -1.39
CA TRP B 475 -25.45 -13.60 -2.07
C TRP B 475 -24.50 -13.74 -3.25
N ASN B 476 -23.53 -14.63 -3.15
CA ASN B 476 -22.62 -14.92 -4.26
C ASN B 476 -23.29 -15.61 -5.43
N GLN B 477 -24.46 -16.23 -5.27
CA GLN B 477 -24.93 -17.17 -6.29
C GLN B 477 -25.24 -16.41 -7.57
N PRO B 478 -24.61 -16.74 -8.71
CA PRO B 478 -24.81 -15.92 -9.91
C PRO B 478 -26.24 -16.03 -10.41
N PRO B 479 -26.73 -15.05 -11.15
CA PRO B 479 -28.15 -15.06 -11.52
C PRO B 479 -28.47 -16.23 -12.43
N SER B 480 -29.71 -16.72 -12.35
CA SER B 480 -30.13 -17.84 -13.16
C SER B 480 -30.08 -17.45 -14.63
N SER B 481 -29.78 -18.42 -15.50
CA SER B 481 -29.57 -18.16 -16.91
C SER B 481 -30.80 -18.43 -17.77
N GLU B 482 -32.00 -18.46 -17.17
CA GLU B 482 -33.22 -18.68 -17.94
C GLU B 482 -33.42 -17.55 -18.95
N LEU B 483 -34.07 -17.87 -20.06
CA LEU B 483 -34.24 -16.91 -21.14
C LEU B 483 -35.05 -15.70 -20.68
N ARG B 484 -36.11 -15.94 -19.91
CA ARG B 484 -36.95 -14.85 -19.44
C ARG B 484 -36.17 -13.87 -18.58
N TYR B 485 -35.41 -14.39 -17.62
CA TYR B 485 -34.64 -13.52 -16.73
C TYR B 485 -33.50 -12.83 -17.47
N LYS B 486 -32.86 -13.54 -18.39
CA LYS B 486 -31.77 -12.93 -19.16
C LYS B 486 -32.30 -11.78 -20.02
N ARG B 487 -33.42 -11.98 -20.70
CA ARG B 487 -34.01 -10.91 -21.48
C ARG B 487 -34.49 -9.77 -20.59
N ARG B 488 -35.03 -10.10 -19.41
CA ARG B 488 -35.47 -9.07 -18.48
C ARG B 488 -34.29 -8.20 -18.04
N ARG B 489 -33.15 -8.82 -17.76
CA ARG B 489 -31.94 -8.04 -17.49
C ARG B 489 -31.52 -7.24 -18.71
N ALA B 490 -31.73 -7.79 -19.90
CA ALA B 490 -31.33 -7.08 -21.12
C ALA B 490 -32.16 -5.82 -21.34
N MET B 491 -33.44 -5.81 -20.91
CA MET B 491 -34.25 -4.61 -21.10
C MET B 491 -33.71 -3.45 -20.27
N GLU B 492 -33.47 -3.70 -18.97
CA GLU B 492 -33.02 -2.64 -18.08
C GLU B 492 -31.68 -2.09 -18.52
N ILE B 493 -30.74 -2.98 -18.84
CA ILE B 493 -29.41 -2.57 -19.26
C ILE B 493 -29.55 -2.00 -20.67
N PRO B 494 -29.13 -0.77 -20.96
CA PRO B 494 -29.03 -0.38 -22.37
C PRO B 494 -27.96 -1.21 -23.03
N THR B 495 -28.33 -2.04 -24.01
CA THR B 495 -27.38 -2.98 -24.58
C THR B 495 -26.32 -2.20 -25.33
N THR B 496 -25.20 -1.97 -24.67
CA THR B 496 -24.14 -1.11 -25.20
C THR B 496 -22.95 -1.94 -25.66
N ILE B 497 -22.46 -1.62 -26.84
CA ILE B 497 -21.39 -2.35 -27.49
C ILE B 497 -20.51 -1.33 -28.20
N GLN B 498 -19.22 -1.59 -28.22
CA GLN B 498 -18.27 -0.61 -28.74
C GLN B 498 -17.94 -0.90 -30.19
N CYS B 499 -17.65 0.16 -30.94
CA CYS B 499 -17.22 -0.04 -32.33
C CYS B 499 -15.75 -0.47 -32.37
N ASP B 500 -15.35 -1.04 -33.51
CA ASP B 500 -13.98 -1.50 -33.74
C ASP B 500 -13.26 -0.66 -34.80
N LEU B 501 -13.90 0.37 -35.34
CA LEU B 501 -13.32 1.24 -36.36
C LEU B 501 -13.09 2.65 -35.84
N CYS B 502 -14.13 3.32 -35.34
CA CYS B 502 -14.01 4.60 -34.66
C CYS B 502 -14.18 4.48 -33.15
N LEU B 503 -14.64 3.33 -32.66
CA LEU B 503 -14.78 3.06 -31.24
C LEU B 503 -15.76 4.01 -30.58
N LYS B 504 -16.73 4.50 -31.35
CA LYS B 504 -17.82 5.28 -30.80
C LYS B 504 -18.78 4.33 -30.09
N TRP B 505 -19.01 4.56 -28.81
CA TRP B 505 -19.98 3.76 -28.09
C TRP B 505 -21.36 3.85 -28.73
N ARG B 506 -22.01 2.70 -28.84
CA ARG B 506 -23.34 2.62 -29.42
C ARG B 506 -24.24 1.74 -28.55
N THR B 507 -25.54 1.87 -28.73
CA THR B 507 -26.53 1.25 -27.85
C THR B 507 -27.59 0.56 -28.70
N LEU B 508 -27.15 -0.32 -29.62
CA LEU B 508 -27.93 -0.94 -30.70
C LEU B 508 -29.35 -1.30 -30.28
N PRO B 509 -30.39 -1.04 -31.10
CA PRO B 509 -31.76 -1.34 -30.66
C PRO B 509 -31.97 -2.80 -30.30
N PHE B 510 -32.60 -3.04 -29.16
CA PHE B 510 -32.85 -4.39 -28.67
C PHE B 510 -33.84 -5.12 -29.57
N TYR B 519 -21.18 -11.31 -33.47
CA TYR B 519 -22.06 -10.19 -33.13
C TYR B 519 -21.81 -9.65 -31.72
N PRO B 520 -21.92 -10.49 -30.68
CA PRO B 520 -21.73 -9.96 -29.31
C PRO B 520 -20.28 -9.70 -28.95
N ASP B 521 -19.32 -10.19 -29.74
CA ASP B 521 -17.90 -9.97 -29.50
C ASP B 521 -17.22 -9.14 -30.58
N THR B 522 -17.76 -9.14 -31.80
CA THR B 522 -17.29 -8.28 -32.88
C THR B 522 -18.47 -7.46 -33.37
N TRP B 523 -18.25 -6.15 -33.53
CA TRP B 523 -19.35 -5.25 -33.82
C TRP B 523 -18.77 -3.91 -34.27
N VAL B 524 -19.45 -3.27 -35.23
CA VAL B 524 -19.07 -1.96 -35.73
C VAL B 524 -20.34 -1.11 -35.83
N CYS B 525 -20.13 0.18 -36.12
CA CYS B 525 -21.24 1.13 -36.06
C CYS B 525 -22.32 0.80 -37.07
N SER B 526 -21.95 0.26 -38.24
CA SER B 526 -22.91 -0.01 -39.30
C SER B 526 -23.51 -1.41 -39.18
N MET B 527 -24.03 -1.73 -37.99
CA MET B 527 -24.79 -2.97 -37.79
C MET B 527 -26.01 -2.77 -36.90
N ASN B 528 -26.24 -1.56 -36.37
CA ASN B 528 -27.36 -1.29 -35.47
C ASN B 528 -28.71 -1.68 -36.06
N ASP B 534 -26.91 4.93 -35.77
CA ASP B 534 -26.90 3.68 -36.51
C ASP B 534 -25.93 3.73 -37.67
N ARG B 535 -24.85 4.50 -37.51
CA ARG B 535 -23.86 4.67 -38.56
C ARG B 535 -22.59 5.23 -37.94
N CYS B 536 -21.49 5.14 -38.70
CA CYS B 536 -20.20 5.59 -38.19
C CYS B 536 -20.18 7.09 -37.93
N GLU B 537 -20.84 7.87 -38.78
CA GLU B 537 -20.78 9.33 -38.64
C GLU B 537 -21.72 9.85 -37.55
N ALA B 538 -22.53 8.98 -36.95
CA ALA B 538 -23.43 9.41 -35.87
C ALA B 538 -22.63 9.99 -34.71
N SER B 539 -23.18 11.02 -34.08
CA SER B 539 -22.51 11.66 -32.97
C SER B 539 -22.49 10.74 -31.75
N GLU B 540 -21.50 10.95 -30.89
CA GLU B 540 -21.40 10.17 -29.66
C GLU B 540 -22.61 10.44 -28.77
N GLN B 541 -23.48 9.43 -28.65
CA GLN B 541 -24.69 9.51 -27.85
C GLN B 541 -24.44 8.79 -26.53
N LYS B 542 -24.19 9.56 -25.48
CA LYS B 542 -23.94 9.03 -24.14
C LYS B 542 -25.29 8.92 -23.45
N GLN B 543 -25.57 7.76 -22.87
CA GLN B 543 -26.84 7.50 -22.21
C GLN B 543 -27.10 8.53 -21.11
N LYS B 544 -28.18 9.28 -21.23
CA LYS B 544 -28.49 10.31 -20.25
C LYS B 544 -28.83 9.67 -18.91
N VAL B 545 -28.45 10.36 -17.84
CA VAL B 545 -28.56 9.86 -16.47
C VAL B 545 -29.45 10.83 -15.69
N PRO B 546 -30.55 10.36 -15.07
CA PRO B 546 -31.36 11.29 -14.26
C PRO B 546 -30.58 11.83 -13.07
N LEU B 547 -30.41 13.15 -13.02
CA LEU B 547 -29.65 13.78 -11.94
C LEU B 547 -30.38 13.66 -10.61
N GLY B 548 -29.63 13.39 -9.56
CA GLY B 548 -30.18 13.20 -8.22
C GLY B 548 -29.84 14.36 -7.31
N THR B 549 -30.67 14.56 -6.29
CA THR B 549 -30.52 15.64 -5.32
C THR B 549 -30.83 15.11 -3.93
N PHE B 550 -30.08 15.58 -2.94
CA PHE B 550 -30.22 15.10 -1.57
C PHE B 550 -31.43 15.71 -0.88
N ARG B 551 -31.85 15.07 0.21
CA ARG B 551 -32.98 15.54 1.01
C ARG B 551 -34.26 15.59 0.19
ZN ZN C . 15.43 -4.44 36.64
PG ANP D . 11.61 -0.75 6.68
O1G ANP D . 11.43 0.68 6.20
O2G ANP D . 10.88 -1.80 5.85
O3G ANP D . 11.49 -0.90 8.20
PB ANP D . 14.60 -0.22 7.02
O1B ANP D . 14.29 0.18 8.43
O2B ANP D . 15.95 -0.78 6.65
N3B ANP D . 13.34 -1.06 6.37
PA ANP D . 13.88 2.59 6.80
O1A ANP D . 12.74 2.37 7.74
O2A ANP D . 13.80 3.65 5.71
O3A ANP D . 14.43 1.22 6.16
O5' ANP D . 15.19 2.90 7.75
C5' ANP D . 16.44 3.16 7.14
C4' ANP D . 17.64 2.72 7.94
O4' ANP D . 17.98 3.68 8.94
C3' ANP D . 17.50 1.38 8.66
O3' ANP D . 18.39 0.44 8.16
C2' ANP D . 17.60 1.65 10.16
O2' ANP D . 18.67 0.92 10.66
C1' ANP D . 17.92 3.16 10.23
N9 ANP D . 16.99 4.02 10.95
C8 ANP D . 15.98 4.78 10.42
N7 ANP D . 15.32 5.45 11.32
C5 ANP D . 15.94 5.15 12.50
C6 ANP D . 15.73 5.55 13.83
N6 ANP D . 14.76 6.41 14.19
N1 ANP D . 16.54 5.06 14.77
C2 ANP D . 17.50 4.22 14.42
N3 ANP D . 17.80 3.76 13.21
C4 ANP D . 16.99 4.26 12.28
HNB1 ANP D . 13.51 -1.93 6.25
H5'1 ANP D . 16.53 4.10 6.97
H5'2 ANP D . 16.45 2.73 6.27
H4' ANP D . 18.39 2.68 7.31
H3' ANP D . 16.60 1.07 8.55
HO3' ANP D . 18.85 0.22 8.84
H2' ANP D . 16.77 1.44 10.62
HO2' ANP D . 18.68 0.99 11.50
H1' ANP D . 18.77 3.27 10.67
H8 ANP D . 15.77 4.77 9.51
HN61 ANP D . 14.59 6.55 15.05
HN62 ANP D . 14.28 6.84 13.59
H2 ANP D . 18.04 3.90 15.12
MG MG E . 11.32 -0.84 10.13
ZN ZN F . -18.13 3.10 -36.61
PG ANP G . 0.37 5.50 -12.55
O1G ANP G . 1.05 5.24 -11.21
O2G ANP G . 0.57 4.39 -13.58
O3G ANP G . -1.06 6.03 -12.47
PB ANP G . 2.06 6.97 -14.65
O1B ANP G . 1.43 6.08 -15.67
O2B ANP G . 2.55 8.34 -15.02
N3B ANP G . 1.22 6.92 -13.21
PA ANP G . 3.91 4.73 -14.89
O1A ANP G . 2.81 3.72 -14.97
O2A ANP G . 5.28 4.35 -14.36
O3A ANP G . 3.42 6.09 -14.18
O5' ANP G . 4.08 5.32 -16.42
C5' ANP G . 4.82 6.49 -16.64
C4' ANP G . 4.52 7.07 -18.00
O4' ANP G . 5.05 6.22 -19.01
C3' ANP G . 3.05 7.20 -18.37
O3' ANP G . 2.39 8.23 -17.72
C2' ANP G . 3.16 7.31 -19.88
O2' ANP G . 3.65 8.58 -20.22
C1' ANP G . 4.25 6.24 -20.15
N9 ANP G . 3.71 4.90 -20.38
C8 ANP G . 3.91 3.76 -19.67
N7 ANP G . 3.29 2.72 -20.18
C5 ANP G . 2.66 3.21 -21.29
C6 ANP G . 1.84 2.65 -22.27
N6 ANP G . 1.48 1.36 -22.28
N1 ANP G . 1.38 3.45 -23.24
C2 ANP G . 1.73 4.73 -23.23
N3 ANP G . 2.48 5.37 -22.38
C4 ANP G . 2.92 4.57 -21.42
HNB1 ANP G . 1.60 7.42 -12.58
H5'1 ANP G . 4.66 7.19 -15.99
H5'2 ANP G . 5.76 6.28 -16.58
H4' ANP G . 4.96 7.94 -18.05
H3' ANP G . 2.62 6.35 -18.21
H2' ANP G . 2.33 7.11 -20.33
HO2' ANP G . 3.56 8.69 -21.05
H1' ANP G . 4.77 6.47 -20.93
H8 ANP G . 4.43 3.74 -18.90
HN61 ANP G . 1.96 0.76 -21.84
HN62 ANP G . 0.76 1.09 -22.73
H2 ANP G . 1.39 5.24 -23.93
MG MG H . -0.82 4.54 -14.90
#